data_9P6P
#
_entry.id   9P6P
#
_cell.length_a   168.471
_cell.length_b   168.471
_cell.length_c   99.945
_cell.angle_alpha   90.000
_cell.angle_beta   90.000
_cell.angle_gamma   120.000
#
_symmetry.space_group_name_H-M   'P 32 2 1'
#
loop_
_entity.id
_entity.type
_entity.pdbx_description
1 polymer "2'-O-methyltransferase"
2 polymer 'Non-structural protein 10'
3 polymer "RNA (5'-D(*(M7G))-R(P*AP*UP*U)-3')"
4 non-polymer S-ADENOSYL-L-HOMOCYSTEINE
5 non-polymer 'CHLORIDE ION'
6 non-polymer 'SULFATE ION'
7 non-polymer 'ZINC ION'
8 non-polymer "7N-METHYL-8-HYDROGUANOSINE-5'-TRIPHOSPHATE"
9 water water
#
loop_
_entity_poly.entity_id
_entity_poly.type
_entity_poly.pdbx_seq_one_letter_code
_entity_poly.pdbx_strand_id
1 'polypeptide(L)'
;SNASSQAWQPGVAMPNLYKMQRMLLEKCDLQNYGDSATLPKGIMMNVAKYTQLCQYLNTLTLAVPYNMRVIHFGAGSDKG
VAPGTAVLRQWLPTGTLLVDSDLNDFVSDADSTLIGDCATVHTANKWDLIISDMYDPKTKNVTKENDSKEGFFTYICGFI
QQKLALGGSVAIKITEHSWNADLYKLMGHFAWWTAFVTNVNASSSEAFLIGCNYLGKPREQIDGYVMHANYIFWRNTNPI
QLSSYSLFDMSKFPLKLRGTAVMSLKEGQINDMILSLLSKGRLIIRENNRVVISSDVLVNN
;
A,C
2 'polypeptide(L)'
;SNAAGNATEVPANSTVLSFCAFAVDAAKAYKDYLASGGQPITNCVKMLCTHTGTGQAITVTPEANMDQESFGGASCCLYC
RCHIDHPNPKGFCDLKGKYVQIPTTCANDPVGFTLKNTVCTVCGMWKGYGCSCDQLREPMLQ
;
B,D
3 'polyribonucleotide' (M7G)AUU E,G
#
# COMPACT_ATOMS: atom_id res chain seq x y z
N ALA A 3 -37.27 -22.34 20.60
CA ALA A 3 -37.63 -22.06 22.02
C ALA A 3 -37.91 -20.57 22.18
N SER A 4 -38.96 -20.23 22.95
CA SER A 4 -39.34 -18.82 23.22
C SER A 4 -38.17 -18.08 23.88
N SER A 5 -37.30 -18.82 24.58
CA SER A 5 -36.12 -18.30 25.31
C SER A 5 -35.01 -17.82 24.33
N GLN A 6 -34.98 -18.32 23.09
CA GLN A 6 -33.93 -17.91 22.12
C GLN A 6 -34.00 -16.39 21.87
N ALA A 7 -35.20 -15.81 21.80
CA ALA A 7 -35.40 -14.37 21.46
C ALA A 7 -34.75 -13.42 22.48
N TRP A 8 -34.47 -13.88 23.69
CA TRP A 8 -33.84 -13.00 24.71
C TRP A 8 -32.31 -13.01 24.59
N GLN A 9 -31.74 -13.90 23.75
CA GLN A 9 -30.26 -14.05 23.64
C GLN A 9 -29.74 -13.25 22.45
N PRO A 10 -28.41 -13.08 22.29
CA PRO A 10 -27.87 -12.40 21.12
C PRO A 10 -27.99 -13.28 19.85
N GLY A 11 -28.18 -14.57 20.05
CA GLY A 11 -28.32 -15.51 18.92
C GLY A 11 -28.45 -16.94 19.41
N VAL A 12 -28.22 -17.89 18.52
CA VAL A 12 -28.40 -19.32 18.86
C VAL A 12 -27.19 -20.10 18.34
N ALA A 13 -26.61 -20.93 19.21
CA ALA A 13 -25.48 -21.82 18.86
C ALA A 13 -26.06 -23.19 18.48
N MET A 14 -25.45 -23.83 17.49
CA MET A 14 -25.91 -25.16 17.05
C MET A 14 -25.75 -26.17 18.18
N PRO A 15 -26.83 -26.84 18.63
CA PRO A 15 -26.72 -27.87 19.67
C PRO A 15 -25.74 -28.98 19.28
N ASN A 16 -25.02 -29.51 20.27
CA ASN A 16 -23.98 -30.55 20.01
C ASN A 16 -24.55 -31.81 19.38
N LEU A 17 -25.81 -32.17 19.63
CA LEU A 17 -26.32 -33.46 19.07
C LEU A 17 -26.31 -33.42 17.53
N TYR A 18 -26.53 -32.24 16.92
CA TYR A 18 -26.47 -32.12 15.44
C TYR A 18 -25.09 -32.45 14.88
N LYS A 19 -24.02 -32.12 15.61
CA LYS A 19 -22.63 -32.38 15.15
C LYS A 19 -22.35 -33.88 15.05
N MET A 20 -23.13 -34.70 15.75
CA MET A 20 -22.86 -36.16 15.82
C MET A 20 -23.72 -36.90 14.80
N GLN A 21 -24.52 -36.20 14.00
CA GLN A 21 -25.39 -36.92 13.02
C GLN A 21 -24.67 -37.05 11.68
N ARG A 22 -25.29 -37.79 10.76
N ARG A 22 -25.25 -37.85 10.77
CA ARG A 22 -24.75 -37.99 9.40
CA ARG A 22 -24.75 -38.00 9.40
C ARG A 22 -25.89 -37.68 8.43
C ARG A 22 -25.92 -37.69 8.46
N MET A 23 -26.21 -36.39 8.28
CA MET A 23 -27.35 -35.96 7.46
C MET A 23 -26.94 -35.84 6.00
N LEU A 24 -27.94 -35.99 5.13
CA LEU A 24 -27.80 -35.82 3.67
C LEU A 24 -27.96 -34.32 3.39
N LEU A 25 -27.14 -33.77 2.50
CA LEU A 25 -27.29 -32.34 2.14
C LEU A 25 -28.65 -32.12 1.46
N GLU A 26 -29.32 -31.04 1.84
CA GLU A 26 -30.64 -30.65 1.28
C GLU A 26 -30.67 -29.12 1.13
N LYS A 27 -31.69 -28.63 0.45
CA LYS A 27 -31.89 -27.17 0.29
C LYS A 27 -32.16 -26.54 1.67
N CYS A 28 -31.60 -25.36 1.91
CA CYS A 28 -31.89 -24.64 3.16
C CYS A 28 -33.20 -23.87 2.93
N ASP A 29 -34.24 -24.17 3.71
CA ASP A 29 -35.56 -23.53 3.50
C ASP A 29 -36.03 -22.91 4.83
N LEU A 30 -35.79 -21.62 5.01
CA LEU A 30 -36.16 -20.88 6.25
C LEU A 30 -37.58 -20.30 6.08
N GLN A 31 -38.45 -20.52 7.07
CA GLN A 31 -39.84 -20.00 6.97
C GLN A 31 -39.85 -18.46 6.94
N ASN A 32 -38.88 -17.80 7.56
CA ASN A 32 -38.85 -16.31 7.58
C ASN A 32 -37.81 -15.77 6.59
N TYR A 33 -37.38 -16.56 5.60
CA TYR A 33 -36.27 -16.15 4.70
C TYR A 33 -36.45 -14.74 4.14
N GLY A 34 -35.44 -13.89 4.33
CA GLY A 34 -35.45 -12.52 3.76
C GLY A 34 -36.18 -11.50 4.63
N ASP A 35 -36.88 -11.93 5.68
CA ASP A 35 -37.57 -10.95 6.57
C ASP A 35 -36.53 -10.00 7.17
N SER A 36 -36.94 -8.75 7.39
CA SER A 36 -36.05 -7.70 7.94
C SER A 36 -36.17 -7.62 9.46
N ALA A 37 -35.05 -7.42 10.13
CA ALA A 37 -35.06 -7.25 11.60
C ALA A 37 -35.51 -5.81 11.89
N THR A 38 -36.14 -5.60 13.05
CA THR A 38 -36.47 -4.23 13.51
C THR A 38 -35.23 -3.74 14.27
N LEU A 39 -34.43 -2.88 13.63
CA LEU A 39 -33.16 -2.43 14.24
C LEU A 39 -33.36 -1.13 15.01
N PRO A 40 -32.58 -0.89 16.08
CA PRO A 40 -32.67 0.37 16.81
C PRO A 40 -32.42 1.51 15.80
N LYS A 41 -32.93 2.69 16.14
CA LYS A 41 -32.85 3.90 15.27
C LYS A 41 -31.42 4.20 14.84
N GLY A 42 -31.22 4.36 13.52
CA GLY A 42 -29.93 4.74 12.91
C GLY A 42 -28.84 3.68 13.05
N ILE A 43 -29.19 2.46 13.46
CA ILE A 43 -28.16 1.39 13.61
C ILE A 43 -28.11 0.55 12.33
N MET A 44 -26.92 0.44 11.74
CA MET A 44 -26.70 -0.36 10.50
C MET A 44 -26.79 -1.86 10.82
N MET A 45 -27.19 -2.65 9.83
CA MET A 45 -27.31 -4.12 10.00
C MET A 45 -26.02 -4.71 10.59
N ASN A 46 -24.86 -4.32 10.07
CA ASN A 46 -23.60 -4.97 10.54
C ASN A 46 -23.17 -4.44 11.92
N VAL A 47 -23.63 -3.27 12.34
CA VAL A 47 -23.32 -2.89 13.75
C VAL A 47 -24.12 -3.83 14.65
N ALA A 48 -25.39 -4.06 14.30
CA ALA A 48 -26.26 -4.95 15.10
C ALA A 48 -25.69 -6.38 15.08
N LYS A 49 -25.30 -6.85 13.90
CA LYS A 49 -24.82 -8.25 13.75
C LYS A 49 -23.52 -8.47 14.55
N TYR A 50 -22.53 -7.60 14.37
CA TYR A 50 -21.25 -7.77 15.11
C TYR A 50 -21.47 -7.59 16.61
N THR A 51 -22.43 -6.73 17.01
CA THR A 51 -22.69 -6.55 18.45
C THR A 51 -23.18 -7.88 19.02
N GLN A 52 -24.09 -8.56 18.31
CA GLN A 52 -24.57 -9.87 18.82
C GLN A 52 -23.46 -10.92 18.78
N LEU A 53 -22.62 -10.94 17.74
CA LEU A 53 -21.49 -11.92 17.72
C LEU A 53 -20.58 -11.69 18.93
N CYS A 54 -20.19 -10.43 19.17
CA CYS A 54 -19.33 -10.11 20.35
C CYS A 54 -20.04 -10.45 21.67
N GLN A 55 -21.35 -10.20 21.77
CA GLN A 55 -22.08 -10.56 23.01
C GLN A 55 -21.99 -12.07 23.21
N TYR A 56 -22.05 -12.85 22.13
CA TYR A 56 -21.94 -14.33 22.28
C TYR A 56 -20.49 -14.71 22.62
N LEU A 57 -19.50 -14.10 21.94
CA LEU A 57 -18.07 -14.44 22.22
C LEU A 57 -17.74 -14.14 23.70
N ASN A 58 -18.46 -13.19 24.32
CA ASN A 58 -18.24 -12.88 25.76
C ASN A 58 -18.57 -14.09 26.65
N THR A 59 -19.36 -15.05 26.17
CA THR A 59 -19.73 -16.23 27.01
C THR A 59 -18.72 -17.39 26.82
N LEU A 60 -17.73 -17.23 25.93
CA LEU A 60 -16.78 -18.35 25.64
C LEU A 60 -15.46 -18.14 26.39
N THR A 61 -14.58 -19.15 26.36
CA THR A 61 -13.26 -19.07 27.04
C THR A 61 -12.21 -18.50 26.08
N LEU A 62 -12.45 -17.30 25.54
CA LEU A 62 -11.47 -16.65 24.65
C LEU A 62 -10.19 -16.31 25.43
N ALA A 63 -9.03 -16.54 24.83
CA ALA A 63 -7.78 -16.07 25.45
C ALA A 63 -7.71 -14.57 25.20
N VAL A 64 -7.42 -13.77 26.23
CA VAL A 64 -7.34 -12.30 26.06
C VAL A 64 -6.03 -11.81 26.66
N PRO A 65 -4.90 -11.89 25.94
CA PRO A 65 -3.64 -11.41 26.48
C PRO A 65 -3.55 -9.87 26.48
N TYR A 66 -2.62 -9.32 27.24
CA TYR A 66 -2.35 -7.87 27.10
C TYR A 66 -1.75 -7.72 25.69
N ASN A 67 -1.96 -6.59 25.00
CA ASN A 67 -1.38 -6.42 23.65
C ASN A 67 -1.88 -7.55 22.73
N MET A 68 -3.18 -7.75 22.75
CA MET A 68 -3.85 -8.77 21.91
C MET A 68 -3.72 -8.36 20.43
N ARG A 69 -3.72 -9.33 19.52
CA ARG A 69 -3.58 -9.11 18.05
C ARG A 69 -4.80 -9.72 17.36
N VAL A 70 -5.54 -8.90 16.60
CA VAL A 70 -6.79 -9.34 15.95
C VAL A 70 -6.75 -8.92 14.49
N ILE A 71 -7.12 -9.84 13.60
CA ILE A 71 -7.21 -9.50 12.15
C ILE A 71 -8.65 -9.79 11.70
N HIS A 72 -9.21 -8.85 10.94
CA HIS A 72 -10.60 -8.88 10.44
C HIS A 72 -10.59 -8.86 8.90
N PHE A 73 -10.99 -9.99 8.29
CA PHE A 73 -11.05 -10.12 6.81
C PHE A 73 -12.49 -9.84 6.35
N GLY A 74 -12.65 -9.21 5.19
CA GLY A 74 -13.99 -8.88 4.68
C GLY A 74 -14.61 -7.75 5.48
N ALA A 75 -13.80 -6.77 5.87
CA ALA A 75 -14.22 -5.65 6.74
C ALA A 75 -14.85 -4.50 5.95
N GLY A 76 -14.70 -4.48 4.63
CA GLY A 76 -15.27 -3.38 3.84
C GLY A 76 -16.73 -3.63 3.52
N SER A 77 -17.45 -2.59 3.14
CA SER A 77 -18.88 -2.71 2.77
C SER A 77 -19.11 -1.92 1.48
N ASP A 78 -20.27 -2.11 0.86
CA ASP A 78 -20.65 -1.37 -0.37
C ASP A 78 -20.79 0.13 -0.05
N LYS A 79 -20.82 0.53 1.23
CA LYS A 79 -20.94 1.98 1.55
C LYS A 79 -19.55 2.59 1.84
N GLY A 80 -18.46 1.83 1.72
CA GLY A 80 -17.10 2.42 1.88
C GLY A 80 -16.67 2.61 3.32
N VAL A 81 -17.43 2.11 4.28
CA VAL A 81 -17.04 2.23 5.72
C VAL A 81 -16.95 0.81 6.30
N ALA A 82 -16.51 0.68 7.56
CA ALA A 82 -16.33 -0.66 8.16
C ALA A 82 -17.08 -0.73 9.48
N PRO A 83 -18.42 -0.96 9.46
CA PRO A 83 -19.20 -1.03 10.69
C PRO A 83 -18.75 -2.17 11.62
N GLY A 84 -18.41 -3.32 11.06
CA GLY A 84 -17.94 -4.47 11.88
C GLY A 84 -16.67 -4.11 12.63
N THR A 85 -15.73 -3.45 11.95
CA THR A 85 -14.45 -3.06 12.57
C THR A 85 -14.72 -2.07 13.72
N ALA A 86 -15.64 -1.14 13.53
CA ALA A 86 -15.96 -0.17 14.60
C ALA A 86 -16.49 -0.92 15.84
N VAL A 87 -17.33 -1.94 15.64
CA VAL A 87 -17.83 -2.75 16.79
C VAL A 87 -16.65 -3.53 17.43
N LEU A 88 -15.80 -4.15 16.62
CA LEU A 88 -14.66 -4.93 17.19
C LEU A 88 -13.77 -3.99 18.01
N ARG A 89 -13.57 -2.77 17.53
CA ARG A 89 -12.70 -1.81 18.26
C ARG A 89 -13.36 -1.40 19.59
N GLN A 90 -14.68 -1.33 19.61
CA GLN A 90 -15.45 -0.98 20.83
C GLN A 90 -15.36 -2.15 21.82
N TRP A 91 -15.41 -3.37 21.30
CA TRP A 91 -15.42 -4.62 22.10
C TRP A 91 -14.05 -4.96 22.68
N LEU A 92 -13.00 -4.89 21.86
CA LEU A 92 -11.63 -5.30 22.24
C LEU A 92 -11.01 -4.33 23.25
N PRO A 93 -10.13 -4.84 24.13
CA PRO A 93 -9.43 -3.99 25.09
C PRO A 93 -8.69 -2.84 24.38
N THR A 94 -8.69 -1.66 25.00
CA THR A 94 -7.97 -0.48 24.48
C THR A 94 -6.51 -0.90 24.22
N GLY A 95 -5.96 -0.55 23.05
CA GLY A 95 -4.55 -0.93 22.76
C GLY A 95 -4.44 -2.24 21.99
N THR A 96 -5.56 -2.94 21.80
CA THR A 96 -5.52 -4.18 20.98
C THR A 96 -5.09 -3.79 19.58
N LEU A 97 -4.11 -4.50 19.01
CA LEU A 97 -3.70 -4.24 17.60
C LEU A 97 -4.78 -4.86 16.71
N LEU A 98 -5.44 -4.03 15.91
CA LEU A 98 -6.55 -4.50 15.02
C LEU A 98 -6.20 -4.17 13.56
N VAL A 99 -6.12 -5.20 12.74
CA VAL A 99 -5.83 -5.05 11.30
C VAL A 99 -7.08 -5.51 10.54
N ASP A 100 -7.48 -4.78 9.51
CA ASP A 100 -8.64 -5.25 8.74
C ASP A 100 -8.30 -5.22 7.25
N SER A 101 -9.07 -5.96 6.47
CA SER A 101 -8.75 -6.11 5.04
C SER A 101 -10.03 -6.34 4.25
N ASP A 102 -9.99 -5.97 2.97
CA ASP A 102 -11.13 -6.22 2.05
C ASP A 102 -10.63 -6.06 0.62
N LEU A 103 -11.26 -6.79 -0.28
CA LEU A 103 -10.99 -6.72 -1.72
C LEU A 103 -11.16 -5.27 -2.20
N ASN A 104 -12.17 -4.55 -1.68
CA ASN A 104 -12.51 -3.18 -2.16
C ASN A 104 -12.08 -2.10 -1.16
N ASP A 105 -11.84 -0.89 -1.65
CA ASP A 105 -11.39 0.25 -0.81
C ASP A 105 -12.47 0.62 0.20
N PHE A 106 -12.05 1.04 1.40
CA PHE A 106 -12.96 1.46 2.50
C PHE A 106 -12.12 2.22 3.54
N VAL A 107 -12.77 2.97 4.41
CA VAL A 107 -12.04 3.67 5.52
C VAL A 107 -12.46 3.01 6.83
N SER A 108 -11.52 2.77 7.74
CA SER A 108 -11.90 2.08 9.00
C SER A 108 -11.15 2.65 10.20
N ASP A 109 -11.50 2.14 11.36
CA ASP A 109 -10.92 2.54 12.67
C ASP A 109 -9.81 1.55 13.06
N ALA A 110 -9.48 0.60 12.19
CA ALA A 110 -8.39 -0.36 12.48
C ALA A 110 -7.05 0.37 12.54
N ASP A 111 -6.07 -0.21 13.24
CA ASP A 111 -4.70 0.36 13.33
C ASP A 111 -4.05 0.32 11.94
N SER A 112 -4.37 -0.72 11.14
CA SER A 112 -3.86 -0.81 9.74
C SER A 112 -4.92 -1.48 8.87
N THR A 113 -5.01 -1.03 7.61
CA THR A 113 -6.00 -1.57 6.64
C THR A 113 -5.26 -2.01 5.38
N LEU A 114 -5.54 -3.22 4.91
CA LEU A 114 -4.95 -3.74 3.64
C LEU A 114 -6.08 -3.93 2.61
N ILE A 115 -5.90 -3.33 1.43
CA ILE A 115 -6.91 -3.41 0.33
C ILE A 115 -6.38 -4.39 -0.72
N GLY A 116 -7.23 -5.34 -1.13
CA GLY A 116 -6.86 -6.36 -2.15
C GLY A 116 -7.37 -7.74 -1.76
N ASP A 117 -7.28 -8.68 -2.70
CA ASP A 117 -7.70 -10.09 -2.43
C ASP A 117 -6.96 -10.55 -1.18
N CYS A 118 -7.63 -11.27 -0.28
CA CYS A 118 -6.97 -11.72 0.98
C CYS A 118 -5.73 -12.57 0.64
N ALA A 119 -5.69 -13.20 -0.55
CA ALA A 119 -4.53 -14.03 -0.95
C ALA A 119 -3.26 -13.17 -1.10
N THR A 120 -3.40 -11.85 -1.20
CA THR A 120 -2.23 -10.94 -1.34
C THR A 120 -1.72 -10.49 0.03
N VAL A 121 -2.38 -10.91 1.12
CA VAL A 121 -2.00 -10.48 2.49
C VAL A 121 -0.93 -11.42 3.06
N HIS A 122 0.17 -10.84 3.55
CA HIS A 122 1.30 -11.60 4.16
C HIS A 122 1.62 -11.05 5.55
N THR A 123 2.15 -11.92 6.42
CA THR A 123 2.58 -11.57 7.80
C THR A 123 3.34 -12.77 8.38
N ALA A 124 4.44 -12.54 9.07
CA ALA A 124 5.19 -13.65 9.71
C ALA A 124 4.73 -13.77 11.17
N ASN A 125 3.81 -12.89 11.59
CA ASN A 125 3.32 -12.83 12.99
C ASN A 125 2.15 -13.79 13.22
N LYS A 126 1.99 -14.22 14.47
CA LYS A 126 0.85 -15.05 14.93
C LYS A 126 -0.25 -14.11 15.43
N TRP A 127 -1.51 -14.55 15.33
CA TRP A 127 -2.68 -13.73 15.75
C TRP A 127 -3.45 -14.44 16.86
N ASP A 128 -4.16 -13.67 17.68
CA ASP A 128 -4.90 -14.24 18.83
C ASP A 128 -6.36 -14.48 18.44
N LEU A 129 -6.84 -13.72 17.46
CA LEU A 129 -8.25 -13.84 17.02
C LEU A 129 -8.34 -13.47 15.54
N ILE A 130 -9.01 -14.33 14.76
CA ILE A 130 -9.25 -14.10 13.31
C ILE A 130 -10.77 -14.01 13.10
N ILE A 131 -11.25 -12.89 12.57
CA ILE A 131 -12.68 -12.73 12.21
C ILE A 131 -12.74 -12.61 10.68
N SER A 132 -13.59 -13.41 10.04
CA SER A 132 -13.79 -13.27 8.58
C SER A 132 -15.27 -13.05 8.28
N ASP A 133 -15.60 -12.01 7.53
CA ASP A 133 -17.00 -11.79 7.08
C ASP A 133 -16.99 -11.87 5.54
N MET A 134 -15.93 -12.45 4.97
CA MET A 134 -15.83 -12.54 3.49
C MET A 134 -16.93 -13.42 2.91
N TYR A 135 -17.41 -13.01 1.74
CA TYR A 135 -18.45 -13.71 0.94
C TYR A 135 -18.17 -13.35 -0.51
N ASP A 136 -18.05 -14.35 -1.37
CA ASP A 136 -17.73 -14.10 -2.80
C ASP A 136 -19.03 -13.79 -3.54
N PRO A 137 -19.18 -12.60 -4.16
CA PRO A 137 -20.41 -12.25 -4.85
C PRO A 137 -20.85 -13.30 -5.88
N LYS A 138 -19.92 -14.07 -6.44
CA LYS A 138 -20.32 -15.07 -7.46
C LYS A 138 -21.10 -16.21 -6.77
N THR A 139 -21.04 -16.29 -5.44
CA THR A 139 -21.80 -17.35 -4.72
C THR A 139 -23.30 -17.16 -4.99
N LYS A 140 -23.74 -15.93 -5.28
CA LYS A 140 -25.18 -15.64 -5.55
C LYS A 140 -25.59 -16.27 -6.89
N ASN A 141 -24.63 -16.55 -7.76
CA ASN A 141 -24.96 -17.23 -9.04
C ASN A 141 -24.70 -18.73 -8.83
N VAL A 142 -25.73 -19.48 -8.46
CA VAL A 142 -25.59 -20.94 -8.22
C VAL A 142 -25.47 -21.62 -9.59
N THR A 143 -24.26 -22.05 -9.98
CA THR A 143 -24.04 -22.63 -11.33
C THR A 143 -23.78 -24.14 -11.24
N LYS A 144 -23.19 -24.60 -10.12
N LYS A 144 -23.12 -24.57 -10.19
CA LYS A 144 -22.81 -26.04 -9.93
CA LYS A 144 -22.94 -26.03 -10.00
C LYS A 144 -23.30 -26.66 -8.60
C LYS A 144 -24.03 -26.41 -8.99
N GLU A 145 -24.61 -26.85 -8.41
N GLU A 145 -23.81 -27.46 -8.22
CA GLU A 145 -25.08 -27.51 -7.17
CA GLU A 145 -24.79 -27.77 -7.16
C GLU A 145 -24.47 -26.83 -5.93
C GLU A 145 -24.29 -26.99 -5.94
N ASN A 146 -24.63 -27.43 -4.74
CA ASN A 146 -24.10 -26.77 -3.52
C ASN A 146 -22.82 -27.50 -3.14
N ASP A 147 -21.75 -27.16 -3.86
CA ASP A 147 -20.40 -27.76 -3.72
C ASP A 147 -19.58 -26.98 -2.68
N SER A 148 -18.57 -27.64 -2.08
CA SER A 148 -17.60 -26.95 -1.18
C SER A 148 -16.93 -25.86 -2.00
N LYS A 149 -16.79 -24.65 -1.48
CA LYS A 149 -16.22 -23.53 -2.27
C LYS A 149 -14.73 -23.34 -1.94
N GLU A 150 -13.97 -22.83 -2.90
CA GLU A 150 -12.53 -22.55 -2.73
C GLU A 150 -12.39 -21.04 -2.50
N GLY A 151 -11.72 -20.34 -3.41
CA GLY A 151 -11.53 -18.87 -3.29
C GLY A 151 -10.86 -18.51 -1.97
N PHE A 152 -11.41 -17.53 -1.25
CA PHE A 152 -10.81 -17.09 0.03
C PHE A 152 -10.80 -18.21 1.08
N PHE A 153 -11.66 -19.23 0.96
CA PHE A 153 -11.65 -20.28 2.02
C PHE A 153 -10.31 -21.03 2.06
N THR A 154 -9.70 -21.29 0.90
CA THR A 154 -8.37 -21.98 0.88
C THR A 154 -7.36 -21.07 1.58
N TYR A 155 -7.44 -19.75 1.37
CA TYR A 155 -6.51 -18.82 2.06
C TYR A 155 -6.76 -18.86 3.59
N ILE A 156 -8.01 -18.75 4.02
N ILE A 156 -8.02 -18.73 4.00
CA ILE A 156 -8.27 -18.70 5.50
CA ILE A 156 -8.38 -18.73 5.45
C ILE A 156 -7.87 -20.02 6.16
C ILE A 156 -7.86 -20.01 6.12
N CYS A 157 -8.06 -21.17 5.50
CA CYS A 157 -7.61 -22.46 6.10
C CYS A 157 -6.09 -22.44 6.30
N GLY A 158 -5.36 -21.98 5.28
CA GLY A 158 -3.89 -21.88 5.38
C GLY A 158 -3.49 -20.87 6.43
N PHE A 159 -4.20 -19.73 6.49
CA PHE A 159 -3.86 -18.65 7.45
C PHE A 159 -4.06 -19.15 8.89
N ILE A 160 -5.14 -19.88 9.14
CA ILE A 160 -5.39 -20.45 10.50
C ILE A 160 -4.27 -21.42 10.87
N GLN A 161 -3.90 -22.31 9.95
CA GLN A 161 -2.90 -23.37 10.27
C GLN A 161 -1.49 -22.81 10.41
N GLN A 162 -1.21 -21.63 9.84
N GLN A 162 -1.21 -21.61 9.87
CA GLN A 162 0.16 -21.05 9.86
CA GLN A 162 0.19 -21.08 9.92
C GLN A 162 0.25 -19.83 10.79
C GLN A 162 0.28 -19.77 10.73
N LYS A 163 -0.82 -19.03 10.91
CA LYS A 163 -0.71 -17.73 11.61
C LYS A 163 -1.55 -17.63 12.89
N LEU A 164 -2.32 -18.64 13.26
CA LEU A 164 -3.12 -18.52 14.50
C LEU A 164 -2.31 -19.04 15.68
N ALA A 165 -2.17 -18.23 16.72
CA ALA A 165 -1.46 -18.67 17.94
C ALA A 165 -2.22 -19.86 18.57
N LEU A 166 -1.48 -20.84 19.11
CA LEU A 166 -2.17 -21.89 19.88
C LEU A 166 -2.90 -21.19 21.02
N GLY A 167 -4.14 -21.59 21.28
CA GLY A 167 -5.00 -20.94 22.29
C GLY A 167 -5.88 -19.87 21.66
N GLY A 168 -5.56 -19.44 20.42
CA GLY A 168 -6.31 -18.40 19.70
C GLY A 168 -7.67 -18.90 19.24
N SER A 169 -8.50 -17.98 18.74
CA SER A 169 -9.88 -18.35 18.31
C SER A 169 -10.21 -17.70 16.97
N VAL A 170 -11.30 -18.16 16.35
CA VAL A 170 -11.73 -17.63 15.04
C VAL A 170 -13.26 -17.56 15.00
N ALA A 171 -13.78 -16.67 14.16
CA ALA A 171 -15.22 -16.56 13.82
C ALA A 171 -15.23 -16.35 12.31
N ILE A 172 -15.62 -17.39 11.55
CA ILE A 172 -15.59 -17.35 10.05
C ILE A 172 -17.03 -17.42 9.52
N LYS A 173 -17.43 -16.43 8.73
CA LYS A 173 -18.81 -16.40 8.22
C LYS A 173 -19.00 -17.41 7.08
N ILE A 174 -20.09 -18.17 7.18
CA ILE A 174 -20.54 -19.17 6.16
C ILE A 174 -22.02 -18.90 5.90
N THR A 175 -22.52 -19.48 4.82
CA THR A 175 -23.96 -19.44 4.46
C THR A 175 -24.29 -20.80 3.86
N GLU A 176 -25.52 -20.98 3.40
CA GLU A 176 -25.90 -22.27 2.78
C GLU A 176 -24.91 -22.60 1.66
N HIS A 177 -24.60 -21.64 0.79
CA HIS A 177 -23.73 -21.88 -0.40
C HIS A 177 -22.29 -21.41 -0.19
N SER A 178 -22.05 -20.54 0.77
CA SER A 178 -20.67 -20.04 1.02
C SER A 178 -20.06 -20.85 2.16
N TRP A 179 -19.35 -21.91 1.83
CA TRP A 179 -18.77 -22.81 2.85
C TRP A 179 -17.63 -23.60 2.24
N ASN A 180 -16.85 -24.26 3.10
CA ASN A 180 -15.70 -25.06 2.65
C ASN A 180 -15.56 -26.29 3.58
N ALA A 181 -15.36 -27.47 2.98
CA ALA A 181 -15.25 -28.73 3.76
C ALA A 181 -13.99 -28.72 4.62
N ASP A 182 -12.88 -28.18 4.12
CA ASP A 182 -11.60 -28.14 4.89
C ASP A 182 -11.74 -27.22 6.11
N LEU A 183 -12.52 -26.14 6.00
CA LEU A 183 -12.73 -25.24 7.17
C LEU A 183 -13.47 -26.00 8.28
N TYR A 184 -14.49 -26.79 7.92
CA TYR A 184 -15.20 -27.58 8.97
C TYR A 184 -14.25 -28.61 9.60
N LYS A 185 -13.41 -29.23 8.78
CA LYS A 185 -12.43 -30.21 9.31
C LYS A 185 -11.48 -29.50 10.29
N LEU A 186 -11.11 -28.26 9.98
N LEU A 186 -11.08 -28.27 9.98
CA LEU A 186 -10.19 -27.46 10.82
CA LEU A 186 -10.17 -27.49 10.87
C LEU A 186 -10.87 -27.11 12.15
C LEU A 186 -10.87 -27.15 12.18
N MET A 187 -12.21 -27.12 12.21
CA MET A 187 -12.93 -26.82 13.49
C MET A 187 -12.58 -27.90 14.51
N GLY A 188 -12.20 -29.09 14.03
CA GLY A 188 -11.79 -30.21 14.90
C GLY A 188 -10.41 -29.98 15.53
N HIS A 189 -9.69 -28.94 15.10
CA HIS A 189 -8.34 -28.61 15.65
C HIS A 189 -8.45 -27.63 16.83
N PHE A 190 -9.67 -27.31 17.26
CA PHE A 190 -9.92 -26.38 18.39
C PHE A 190 -10.42 -27.20 19.58
N ALA A 191 -10.29 -26.65 20.80
CA ALA A 191 -10.82 -27.37 21.97
C ALA A 191 -12.34 -27.48 21.85
N TRP A 192 -12.95 -26.53 21.15
CA TRP A 192 -14.43 -26.48 21.04
C TRP A 192 -14.82 -25.64 19.83
N TRP A 193 -15.96 -25.94 19.22
CA TRP A 193 -16.40 -25.14 18.06
C TRP A 193 -17.93 -25.14 18.00
N THR A 194 -18.50 -24.19 17.26
CA THR A 194 -19.95 -24.20 17.03
C THR A 194 -20.25 -23.35 15.79
N ALA A 195 -21.51 -23.40 15.36
CA ALA A 195 -22.04 -22.53 14.31
C ALA A 195 -23.02 -21.61 15.04
N PHE A 196 -22.76 -20.31 14.97
CA PHE A 196 -23.58 -19.32 15.71
C PHE A 196 -24.36 -18.44 14.73
N VAL A 197 -25.65 -18.29 15.01
CA VAL A 197 -26.58 -17.48 14.18
C VAL A 197 -26.99 -16.26 15.02
N THR A 198 -26.75 -15.06 14.51
CA THR A 198 -27.18 -13.83 15.24
C THR A 198 -28.69 -13.72 15.13
N ASN A 199 -29.35 -13.28 16.21
CA ASN A 199 -30.84 -13.13 16.17
C ASN A 199 -31.26 -12.04 15.18
N VAL A 200 -30.43 -11.04 14.90
CA VAL A 200 -30.86 -9.97 13.94
C VAL A 200 -30.81 -10.52 12.51
N ASN A 201 -30.14 -11.65 12.30
CA ASN A 201 -30.07 -12.21 10.92
C ASN A 201 -30.60 -13.66 10.91
N ALA A 202 -31.55 -13.97 11.78
CA ALA A 202 -32.13 -15.33 11.87
C ALA A 202 -32.81 -15.71 10.56
N SER A 203 -33.15 -14.71 9.73
CA SER A 203 -33.86 -14.91 8.43
C SER A 203 -32.87 -15.23 7.30
N SER A 204 -31.59 -15.41 7.64
CA SER A 204 -30.50 -15.74 6.68
C SER A 204 -29.88 -17.08 7.05
N SER A 205 -29.32 -17.79 6.06
CA SER A 205 -28.57 -19.06 6.31
C SER A 205 -27.17 -18.72 6.83
N GLU A 206 -26.89 -17.43 6.98
CA GLU A 206 -25.59 -17.00 7.53
C GLU A 206 -25.38 -17.58 8.93
N ALA A 207 -24.15 -17.96 9.22
CA ALA A 207 -23.72 -18.36 10.56
C ALA A 207 -22.23 -18.07 10.68
N PHE A 208 -21.74 -17.92 11.90
CA PHE A 208 -20.29 -17.79 12.14
C PHE A 208 -19.78 -19.13 12.65
N LEU A 209 -18.82 -19.74 11.93
CA LEU A 209 -18.17 -20.95 12.48
C LEU A 209 -17.16 -20.45 13.49
N ILE A 210 -17.37 -20.78 14.75
CA ILE A 210 -16.51 -20.30 15.86
C ILE A 210 -15.65 -21.45 16.35
N GLY A 211 -14.34 -21.26 16.25
CA GLY A 211 -13.32 -22.17 16.77
C GLY A 211 -12.75 -21.57 18.03
N CYS A 212 -12.92 -22.22 19.17
CA CYS A 212 -12.43 -21.64 20.45
C CYS A 212 -11.22 -22.45 20.98
N ASN A 213 -10.06 -21.77 21.08
CA ASN A 213 -8.80 -22.31 21.66
C ASN A 213 -8.15 -23.32 20.70
N TYR A 214 -7.36 -22.78 19.76
CA TYR A 214 -6.67 -23.58 18.72
C TYR A 214 -5.62 -24.50 19.37
N LEU A 215 -5.66 -25.79 19.03
CA LEU A 215 -4.72 -26.80 19.62
C LEU A 215 -3.65 -27.20 18.60
N GLY A 216 -3.80 -26.83 17.32
CA GLY A 216 -2.78 -27.11 16.28
C GLY A 216 -2.72 -28.58 15.87
N LYS A 217 -3.71 -29.37 16.30
CA LYS A 217 -3.78 -30.82 16.00
C LYS A 217 -5.24 -31.23 16.10
N PRO A 218 -5.67 -32.31 15.39
CA PRO A 218 -7.07 -32.72 15.43
C PRO A 218 -7.48 -33.49 16.69
N ARG A 219 -8.32 -32.89 17.54
CA ARG A 219 -8.84 -33.59 18.75
C ARG A 219 -10.07 -34.42 18.33
N GLU A 220 -10.68 -34.08 17.18
CA GLU A 220 -11.84 -34.84 16.64
C GLU A 220 -11.81 -34.76 15.11
N GLN A 221 -11.87 -35.91 14.44
N GLN A 221 -11.89 -35.91 14.44
CA GLN A 221 -11.88 -35.94 12.95
CA GLN A 221 -11.89 -35.98 12.96
C GLN A 221 -13.28 -35.55 12.48
C GLN A 221 -13.29 -35.57 12.46
N ILE A 222 -13.37 -34.50 11.65
CA ILE A 222 -14.68 -33.99 11.14
C ILE A 222 -14.71 -34.11 9.62
N ASP A 223 -15.75 -34.75 9.08
CA ASP A 223 -16.03 -34.80 7.62
C ASP A 223 -16.81 -33.50 7.30
N GLY A 224 -16.18 -32.58 6.57
CA GLY A 224 -16.77 -31.27 6.26
C GLY A 224 -18.07 -31.32 5.46
N TYR A 225 -18.15 -32.24 4.49
N TYR A 225 -18.16 -32.20 4.46
CA TYR A 225 -19.36 -32.39 3.65
CA TYR A 225 -19.41 -32.32 3.67
C TYR A 225 -20.54 -32.78 4.55
C TYR A 225 -20.56 -32.75 4.59
N VAL A 226 -20.31 -33.71 5.48
CA VAL A 226 -21.37 -34.16 6.41
C VAL A 226 -21.70 -33.03 7.40
N MET A 227 -20.68 -32.33 7.90
CA MET A 227 -20.98 -31.31 8.94
C MET A 227 -21.79 -30.16 8.32
N HIS A 228 -21.52 -29.77 7.07
CA HIS A 228 -22.35 -28.69 6.48
C HIS A 228 -23.81 -29.15 6.34
N ALA A 229 -24.01 -30.41 5.96
CA ALA A 229 -25.36 -31.01 5.86
C ALA A 229 -26.04 -30.98 7.23
N ASN A 230 -25.29 -31.27 8.30
CA ASN A 230 -25.85 -31.23 9.68
C ASN A 230 -26.20 -29.79 10.04
N TYR A 231 -25.40 -28.81 9.60
CA TYR A 231 -25.70 -27.38 9.87
C TYR A 231 -27.02 -26.99 9.17
N ILE A 232 -27.18 -27.42 7.92
N ILE A 232 -27.17 -27.41 7.92
CA ILE A 232 -28.41 -27.06 7.16
CA ILE A 232 -28.40 -27.07 7.15
C ILE A 232 -29.61 -27.77 7.78
C ILE A 232 -29.60 -27.77 7.81
N PHE A 233 -29.42 -29.01 8.26
CA PHE A 233 -30.52 -29.76 8.92
C PHE A 233 -30.97 -28.97 10.17
N TRP A 234 -30.02 -28.49 10.96
CA TRP A 234 -30.37 -27.65 12.14
C TRP A 234 -31.17 -26.41 11.71
N ARG A 235 -30.67 -25.68 10.71
CA ARG A 235 -31.36 -24.43 10.28
C ARG A 235 -32.77 -24.74 9.75
N ASN A 236 -32.94 -25.90 9.10
CA ASN A 236 -34.26 -26.30 8.52
C ASN A 236 -35.25 -26.78 9.58
N THR A 237 -34.78 -27.28 10.72
CA THR A 237 -35.68 -27.87 11.73
C THR A 237 -35.84 -27.00 12.98
N ASN A 238 -34.88 -26.12 13.28
CA ASN A 238 -34.99 -25.21 14.46
C ASN A 238 -35.29 -23.81 13.93
N PRO A 239 -36.57 -23.38 13.84
CA PRO A 239 -36.88 -22.05 13.35
C PRO A 239 -36.41 -21.03 14.40
N ILE A 240 -35.65 -20.04 13.96
CA ILE A 240 -35.14 -18.96 14.85
C ILE A 240 -35.87 -17.69 14.43
N GLN A 241 -36.53 -17.03 15.39
N GLN A 241 -36.59 -17.04 15.36
CA GLN A 241 -37.28 -15.79 15.09
CA GLN A 241 -37.33 -15.81 14.99
C GLN A 241 -36.33 -14.59 15.14
C GLN A 241 -36.40 -14.60 15.16
N LEU A 242 -36.56 -13.60 14.28
CA LEU A 242 -35.73 -12.37 14.30
C LEU A 242 -35.88 -11.72 15.67
N SER A 243 -34.78 -11.26 16.25
CA SER A 243 -34.86 -10.55 17.56
C SER A 243 -33.69 -9.56 17.69
N SER A 244 -34.03 -8.33 18.09
N SER A 244 -34.02 -8.33 18.09
CA SER A 244 -33.06 -7.23 18.34
CA SER A 244 -33.02 -7.26 18.35
C SER A 244 -32.96 -6.94 19.84
C SER A 244 -32.97 -6.95 19.85
N TYR A 245 -33.65 -7.75 20.67
CA TYR A 245 -33.70 -7.52 22.14
C TYR A 245 -32.32 -7.33 22.77
N SER A 246 -31.33 -8.18 22.48
CA SER A 246 -30.02 -8.09 23.18
C SER A 246 -29.29 -6.77 22.88
N LEU A 247 -29.69 -6.07 21.82
CA LEU A 247 -28.98 -4.81 21.43
C LEU A 247 -29.27 -3.69 22.43
N PHE A 248 -30.32 -3.83 23.24
CA PHE A 248 -30.73 -2.71 24.12
C PHE A 248 -30.00 -2.74 25.47
N ASP A 249 -29.27 -3.80 25.82
CA ASP A 249 -28.49 -3.76 27.09
C ASP A 249 -27.00 -3.90 26.74
N MET A 250 -26.28 -2.79 26.76
CA MET A 250 -24.85 -2.76 26.37
C MET A 250 -23.93 -2.59 27.58
N SER A 251 -24.48 -2.63 28.81
N SER A 251 -24.44 -2.90 28.78
CA SER A 251 -23.65 -2.30 30.00
CA SER A 251 -23.56 -2.87 29.99
C SER A 251 -22.48 -3.28 30.20
C SER A 251 -22.66 -4.11 29.99
N LYS A 252 -22.62 -4.53 29.73
N LYS A 252 -21.39 -3.95 30.37
CA LYS A 252 -21.53 -5.54 29.90
CA LYS A 252 -20.40 -5.07 30.46
C LYS A 252 -20.96 -5.94 28.54
C LYS A 252 -20.10 -5.65 29.07
N PHE A 253 -20.83 -5.00 27.59
N PHE A 253 -20.57 -4.97 28.01
CA PHE A 253 -20.39 -5.35 26.22
CA PHE A 253 -20.37 -5.44 26.61
C PHE A 253 -18.88 -5.59 26.10
C PHE A 253 -18.90 -5.67 26.30
N PRO A 254 -17.99 -4.71 26.64
CA PRO A 254 -16.56 -4.88 26.39
C PRO A 254 -16.00 -6.25 26.83
N LEU A 255 -15.11 -6.79 26.01
CA LEU A 255 -14.42 -8.07 26.31
C LEU A 255 -13.68 -7.93 27.63
N LYS A 256 -13.79 -8.91 28.52
CA LYS A 256 -13.09 -8.86 29.83
C LYS A 256 -11.58 -8.99 29.62
N LEU A 257 -10.79 -8.12 30.27
CA LEU A 257 -9.30 -8.17 30.19
C LEU A 257 -8.81 -9.29 31.12
N ARG A 258 -8.51 -10.46 30.56
CA ARG A 258 -8.07 -11.62 31.38
C ARG A 258 -6.55 -11.58 31.62
N GLY A 259 -5.80 -10.83 30.82
CA GLY A 259 -4.33 -10.83 30.98
C GLY A 259 -3.80 -12.24 30.80
N THR A 260 -4.34 -12.95 29.80
CA THR A 260 -3.94 -14.35 29.52
C THR A 260 -2.43 -14.44 29.27
N ALA A 261 -1.78 -15.40 29.90
CA ALA A 261 -0.33 -15.59 29.74
C ALA A 261 0.01 -15.89 28.28
N VAL A 262 1.09 -15.28 27.80
CA VAL A 262 1.63 -15.52 26.44
C VAL A 262 3.02 -16.13 26.63
N MET A 263 3.30 -17.28 26.03
CA MET A 263 4.68 -17.82 26.18
C MET A 263 5.11 -18.50 24.88
N SER A 264 6.42 -18.56 24.67
CA SER A 264 7.04 -19.15 23.45
C SER A 264 7.45 -20.58 23.76
N LEU A 265 6.92 -21.54 23.00
CA LEU A 265 7.23 -22.98 23.18
C LEU A 265 7.37 -23.62 21.80
N LYS A 266 8.18 -24.68 21.68
CA LYS A 266 8.36 -25.42 20.42
C LYS A 266 7.38 -26.61 20.45
N GLU A 267 6.95 -27.08 19.28
CA GLU A 267 5.98 -28.21 19.19
C GLU A 267 6.44 -29.39 20.06
N GLY A 268 7.71 -29.41 20.46
CA GLY A 268 8.25 -30.50 21.30
C GLY A 268 7.94 -30.31 22.77
N GLN A 269 7.62 -29.09 23.20
CA GLN A 269 7.32 -28.80 24.64
C GLN A 269 5.81 -28.77 24.85
N ILE A 270 5.02 -28.87 23.77
CA ILE A 270 3.53 -28.83 23.89
C ILE A 270 3.05 -30.17 24.44
N ASN A 271 3.17 -30.37 25.76
CA ASN A 271 2.75 -31.64 26.43
C ASN A 271 1.24 -31.60 26.72
N ASP A 272 0.75 -32.57 27.50
CA ASP A 272 -0.70 -32.67 27.84
C ASP A 272 -1.10 -31.57 28.83
N MET A 273 -0.19 -31.16 29.71
CA MET A 273 -0.48 -30.09 30.70
C MET A 273 -0.66 -28.76 29.95
N ILE A 274 0.18 -28.50 28.95
CA ILE A 274 0.04 -27.25 28.13
C ILE A 274 -1.27 -27.30 27.34
N LEU A 275 -1.58 -28.44 26.71
CA LEU A 275 -2.83 -28.57 25.91
C LEU A 275 -4.04 -28.33 26.82
N SER A 276 -3.93 -28.74 28.09
CA SER A 276 -5.02 -28.54 29.07
C SER A 276 -5.19 -27.04 29.35
N LEU A 277 -4.09 -26.29 29.43
CA LEU A 277 -4.17 -24.82 29.65
C LEU A 277 -4.73 -24.15 28.40
N LEU A 278 -4.27 -24.56 27.22
CA LEU A 278 -4.77 -24.01 25.93
C LEU A 278 -6.28 -24.22 25.83
N SER A 279 -6.75 -25.42 26.19
CA SER A 279 -8.19 -25.80 26.06
C SER A 279 -9.08 -24.99 27.00
N LYS A 280 -8.51 -24.40 28.07
CA LYS A 280 -9.31 -23.67 29.08
C LYS A 280 -9.26 -22.17 28.86
N GLY A 281 -8.58 -21.70 27.81
CA GLY A 281 -8.48 -20.26 27.52
C GLY A 281 -7.52 -19.55 28.45
N ARG A 282 -6.56 -20.29 29.02
CA ARG A 282 -5.62 -19.72 30.01
C ARG A 282 -4.20 -19.59 29.44
N LEU A 283 -4.02 -19.75 28.11
CA LEU A 283 -2.64 -19.67 27.57
C LEU A 283 -2.67 -19.37 26.07
N ILE A 284 -1.73 -18.52 25.63
CA ILE A 284 -1.51 -18.18 24.20
C ILE A 284 -0.04 -18.52 23.92
N ILE A 285 0.23 -19.27 22.85
CA ILE A 285 1.63 -19.60 22.50
C ILE A 285 2.02 -18.87 21.21
N ARG A 286 3.01 -17.99 21.33
CA ARG A 286 3.56 -17.21 20.18
C ARG A 286 4.64 -16.29 20.73
N GLU A 287 5.46 -15.71 19.85
CA GLU A 287 6.49 -14.74 20.28
C GLU A 287 5.79 -13.39 20.49
N ASN A 288 6.51 -12.37 20.93
CA ASN A 288 5.88 -11.03 21.09
C ASN A 288 6.69 -10.02 20.27
N ASN A 289 7.12 -10.45 19.07
CA ASN A 289 7.89 -9.60 18.12
C ASN A 289 6.97 -8.52 17.54
N ARG A 290 7.54 -7.49 16.92
CA ARG A 290 6.69 -6.41 16.34
C ARG A 290 5.83 -7.00 15.23
N VAL A 291 4.65 -6.43 15.03
CA VAL A 291 3.68 -6.95 14.03
C VAL A 291 3.93 -6.23 12.71
N VAL A 292 4.23 -7.00 11.67
CA VAL A 292 4.52 -6.48 10.30
C VAL A 292 3.59 -7.19 9.32
N ILE A 293 2.88 -6.41 8.50
CA ILE A 293 1.92 -6.96 7.51
C ILE A 293 2.25 -6.34 6.14
N SER A 294 1.83 -7.01 5.07
CA SER A 294 2.03 -6.45 3.71
C SER A 294 0.96 -7.01 2.76
N SER A 295 0.63 -6.25 1.72
N SER A 295 0.65 -6.25 1.71
CA SER A 295 -0.30 -6.64 0.64
CA SER A 295 -0.31 -6.61 0.64
C SER A 295 0.45 -6.62 -0.68
C SER A 295 0.45 -6.61 -0.70
N ASP A 296 0.52 -7.78 -1.36
CA ASP A 296 1.20 -7.90 -2.67
C ASP A 296 0.49 -7.01 -3.70
N VAL A 297 1.28 -6.24 -4.45
CA VAL A 297 0.76 -5.37 -5.54
C VAL A 297 1.24 -5.95 -6.87
N LEU A 298 0.30 -6.25 -7.76
CA LEU A 298 0.61 -6.76 -9.11
C LEU A 298 1.02 -5.57 -9.97
N VAL A 299 2.19 -5.62 -10.61
CA VAL A 299 2.63 -4.48 -11.45
C VAL A 299 2.38 -4.83 -12.92
N ASN A 300 1.60 -4.00 -13.62
CA ASN A 300 1.27 -4.23 -15.05
C ASN A 300 1.83 -3.06 -15.89
N ASN A 301 2.34 -3.36 -17.08
CA ASN A 301 2.88 -2.33 -18.00
C ASN A 301 1.72 -1.71 -18.79
N THR B 15 10.45 24.38 -3.89
CA THR B 15 9.43 25.38 -4.31
C THR B 15 8.03 24.76 -4.15
N VAL B 16 7.82 23.98 -3.08
CA VAL B 16 6.50 23.31 -2.84
C VAL B 16 5.47 24.35 -2.38
N LEU B 17 5.89 25.63 -2.26
CA LEU B 17 4.97 26.72 -1.83
C LEU B 17 3.93 26.99 -2.94
N SER B 18 4.35 26.88 -4.21
CA SER B 18 3.41 27.09 -5.36
C SER B 18 2.26 26.07 -5.27
N PHE B 19 2.57 24.87 -4.78
CA PHE B 19 1.58 23.77 -4.59
C PHE B 19 0.69 24.10 -3.38
N CYS B 20 1.31 24.39 -2.23
CA CYS B 20 0.56 24.73 -0.99
C CYS B 20 -0.18 26.06 -1.16
N ALA B 21 0.50 27.10 -1.66
CA ALA B 21 -0.14 28.42 -1.92
C ALA B 21 -1.55 28.16 -2.46
N PHE B 22 -1.65 27.27 -3.45
CA PHE B 22 -2.97 26.85 -3.99
C PHE B 22 -3.53 25.80 -3.04
N ALA B 23 -4.08 26.26 -1.90
CA ALA B 23 -4.63 25.36 -0.86
C ALA B 23 -6.05 24.92 -1.25
N VAL B 24 -6.26 23.60 -1.36
CA VAL B 24 -7.61 23.03 -1.67
C VAL B 24 -8.38 22.93 -0.35
N ASP B 25 -9.19 23.95 -0.02
CA ASP B 25 -9.95 24.00 1.25
C ASP B 25 -11.24 23.16 1.11
N ALA B 26 -11.19 21.89 1.55
CA ALA B 26 -12.36 20.98 1.50
C ALA B 26 -13.34 21.32 2.62
N ALA B 27 -12.84 21.77 3.77
CA ALA B 27 -13.68 22.15 4.93
C ALA B 27 -14.64 23.27 4.54
N LYS B 28 -14.13 24.31 3.86
CA LYS B 28 -14.96 25.47 3.44
C LYS B 28 -15.90 25.03 2.31
N ALA B 29 -15.42 24.18 1.41
CA ALA B 29 -16.23 23.67 0.28
C ALA B 29 -17.45 22.91 0.81
N TYR B 30 -17.28 22.15 1.90
CA TYR B 30 -18.41 21.35 2.47
C TYR B 30 -19.45 22.31 3.06
N LYS B 31 -19.01 23.39 3.71
CA LYS B 31 -19.95 24.38 4.29
C LYS B 31 -20.79 25.00 3.16
N ASP B 32 -20.14 25.34 2.03
CA ASP B 32 -20.85 25.94 0.86
C ASP B 32 -21.84 24.92 0.28
N TYR B 33 -21.40 23.66 0.15
CA TYR B 33 -22.26 22.57 -0.38
C TYR B 33 -23.54 22.45 0.45
N LEU B 34 -23.40 22.50 1.79
CA LEU B 34 -24.57 22.44 2.71
C LEU B 34 -25.39 23.73 2.59
N ALA B 35 -24.72 24.87 2.39
CA ALA B 35 -25.40 26.19 2.24
C ALA B 35 -26.23 26.20 0.95
N SER B 36 -25.84 25.38 -0.05
CA SER B 36 -26.54 25.27 -1.36
C SER B 36 -27.64 24.20 -1.28
N GLY B 37 -28.01 23.78 -0.07
CA GLY B 37 -29.04 22.75 0.12
C GLY B 37 -28.53 21.37 -0.26
N GLY B 38 -27.24 21.12 -0.05
CA GLY B 38 -26.63 19.81 -0.38
C GLY B 38 -26.94 18.76 0.66
N GLN B 39 -27.00 17.49 0.24
CA GLN B 39 -27.30 16.36 1.16
C GLN B 39 -26.06 16.04 1.98
N PRO B 40 -26.15 16.08 3.34
CA PRO B 40 -25.02 15.75 4.20
C PRO B 40 -24.46 14.35 3.93
N ILE B 41 -23.16 14.17 4.12
CA ILE B 41 -22.53 12.83 3.94
C ILE B 41 -23.27 11.82 4.83
N THR B 42 -23.58 10.66 4.28
CA THR B 42 -24.33 9.59 4.99
C THR B 42 -23.40 8.43 5.35
N ASN B 43 -23.96 7.41 6.01
CA ASN B 43 -23.25 6.16 6.38
C ASN B 43 -22.20 6.41 7.45
N CYS B 44 -22.40 7.44 8.28
CA CYS B 44 -21.52 7.56 9.48
C CYS B 44 -21.93 6.39 10.37
N VAL B 45 -20.96 5.66 10.94
CA VAL B 45 -21.28 4.42 11.70
C VAL B 45 -21.69 4.74 13.14
N LYS B 46 -22.99 4.67 13.43
CA LYS B 46 -23.50 4.93 14.79
C LYS B 46 -23.34 3.65 15.63
N MET B 47 -22.83 3.81 16.85
CA MET B 47 -22.58 2.64 17.72
C MET B 47 -23.75 2.43 18.71
N LEU B 48 -23.93 1.19 19.14
CA LEU B 48 -24.85 0.91 20.26
C LEU B 48 -24.07 1.17 21.55
N CYS B 49 -24.68 1.86 22.51
CA CYS B 49 -23.99 2.12 23.80
C CYS B 49 -25.03 2.40 24.88
N THR B 50 -24.59 2.53 26.14
CA THR B 50 -25.49 2.74 27.30
C THR B 50 -25.99 4.19 27.38
N HIS B 51 -25.31 5.13 26.75
CA HIS B 51 -25.69 6.58 26.86
C HIS B 51 -25.54 7.05 28.30
N THR B 52 -24.58 6.48 29.04
CA THR B 52 -24.27 6.89 30.43
C THR B 52 -22.78 7.26 30.49
N GLY B 53 -22.23 7.70 29.35
CA GLY B 53 -20.80 8.04 29.24
C GLY B 53 -20.47 9.45 29.73
N THR B 54 -19.19 9.82 29.64
CA THR B 54 -18.64 11.12 30.11
C THR B 54 -19.13 12.27 29.24
N GLY B 55 -19.48 11.99 27.98
CA GLY B 55 -19.92 13.06 27.06
C GLY B 55 -18.75 13.81 26.44
N GLN B 56 -17.52 13.34 26.63
CA GLN B 56 -16.36 14.01 25.96
C GLN B 56 -16.50 13.84 24.45
N ALA B 57 -15.82 14.71 23.69
CA ALA B 57 -15.95 14.80 22.21
C ALA B 57 -15.38 13.58 21.48
N ILE B 58 -14.11 13.24 21.74
CA ILE B 58 -13.39 12.15 21.02
C ILE B 58 -12.76 11.23 22.07
N THR B 59 -13.17 9.96 22.09
CA THR B 59 -12.76 9.00 23.16
C THR B 59 -12.34 7.66 22.56
N VAL B 60 -11.60 6.86 23.34
CA VAL B 60 -11.07 5.54 22.87
C VAL B 60 -12.23 4.56 22.76
N THR B 61 -13.33 4.82 23.47
CA THR B 61 -14.53 3.95 23.45
C THR B 61 -15.75 4.87 23.43
N PRO B 62 -16.94 4.41 22.97
CA PRO B 62 -18.14 5.26 22.97
C PRO B 62 -18.40 5.86 24.37
N GLU B 63 -18.56 7.18 24.44
CA GLU B 63 -18.81 7.89 25.71
C GLU B 63 -20.04 8.80 25.60
N ALA B 64 -21.02 8.44 24.79
CA ALA B 64 -22.21 9.29 24.63
C ALA B 64 -22.98 9.39 25.95
N ASN B 65 -23.50 10.58 26.24
CA ASN B 65 -24.43 10.78 27.38
C ASN B 65 -25.83 10.76 26.75
N MET B 66 -26.87 11.10 27.51
CA MET B 66 -28.28 11.03 26.99
C MET B 66 -28.57 12.11 25.95
N ASP B 67 -27.67 13.07 25.75
CA ASP B 67 -27.91 14.13 24.74
C ASP B 67 -27.01 13.91 23.52
N GLN B 68 -26.44 12.71 23.38
CA GLN B 68 -25.48 12.48 22.27
C GLN B 68 -25.64 11.08 21.65
N GLU B 69 -25.04 10.94 20.47
CA GLU B 69 -24.90 9.67 19.71
C GLU B 69 -23.40 9.45 19.58
N SER B 70 -22.93 8.19 19.68
CA SER B 70 -21.49 7.89 19.48
C SER B 70 -21.32 7.31 18.08
N PHE B 71 -20.31 7.77 17.36
CA PHE B 71 -20.03 7.28 15.98
C PHE B 71 -18.56 6.85 15.85
N GLY B 72 -18.31 5.84 15.00
CA GLY B 72 -16.92 5.49 14.66
C GLY B 72 -16.28 6.73 14.04
N GLY B 73 -15.12 7.15 14.56
CA GLY B 73 -14.45 8.39 14.13
C GLY B 73 -14.15 8.48 12.64
N ALA B 74 -13.46 7.49 12.09
CA ALA B 74 -13.07 7.52 10.67
C ALA B 74 -14.28 7.82 9.78
N SER B 75 -15.45 7.24 10.10
CA SER B 75 -16.65 7.41 9.25
C SER B 75 -17.20 8.85 9.34
N CYS B 76 -16.74 9.64 10.31
CA CYS B 76 -17.25 11.03 10.51
C CYS B 76 -16.18 12.07 10.12
N CYS B 77 -15.06 11.63 9.56
CA CYS B 77 -13.95 12.52 9.15
C CYS B 77 -14.04 12.82 7.65
N LEU B 78 -14.21 14.08 7.28
CA LEU B 78 -14.32 14.49 5.85
C LEU B 78 -13.07 14.01 5.10
N TYR B 79 -11.90 14.17 5.72
CA TYR B 79 -10.60 13.85 5.08
C TYR B 79 -10.48 12.34 4.86
N CYS B 80 -10.88 11.53 5.84
CA CYS B 80 -10.86 10.04 5.70
C CYS B 80 -11.88 9.62 4.62
N ARG B 81 -13.11 10.11 4.72
CA ARG B 81 -14.21 9.74 3.79
C ARG B 81 -13.90 10.17 2.35
N CYS B 82 -13.34 11.37 2.15
CA CYS B 82 -13.05 11.87 0.78
C CYS B 82 -11.64 11.47 0.32
N HIS B 83 -10.90 10.72 1.14
CA HIS B 83 -9.53 10.26 0.81
C HIS B 83 -8.66 11.45 0.37
N ILE B 84 -8.54 12.45 1.24
CA ILE B 84 -7.69 13.65 0.97
C ILE B 84 -6.81 13.89 2.21
N ASP B 85 -5.63 14.46 2.02
CA ASP B 85 -4.63 14.70 3.10
C ASP B 85 -5.30 15.40 4.29
N HIS B 86 -4.85 15.07 5.51
CA HIS B 86 -5.35 15.72 6.74
C HIS B 86 -4.56 17.00 6.98
N PRO B 87 -5.22 18.13 7.34
CA PRO B 87 -4.53 19.39 7.59
C PRO B 87 -3.90 19.44 9.00
N ASN B 88 -4.30 18.51 9.87
CA ASN B 88 -3.82 18.43 11.27
C ASN B 88 -2.30 18.25 11.29
N PRO B 89 -1.61 18.66 12.37
CA PRO B 89 -0.16 18.53 12.47
C PRO B 89 0.37 17.13 12.14
N LYS B 90 1.37 17.06 11.26
CA LYS B 90 2.04 15.79 10.83
C LYS B 90 1.03 14.90 10.07
N GLY B 91 -0.09 15.49 9.60
CA GLY B 91 -1.11 14.77 8.81
C GLY B 91 -1.81 13.67 9.57
N PHE B 92 -1.75 13.66 10.91
CA PHE B 92 -2.44 12.62 11.73
C PHE B 92 -3.92 12.96 11.86
N CYS B 93 -4.76 11.92 11.94
CA CYS B 93 -6.23 12.09 12.11
C CYS B 93 -6.58 12.04 13.60
N ASP B 94 -7.39 12.98 14.08
CA ASP B 94 -7.83 13.01 15.50
C ASP B 94 -9.07 12.10 15.71
N LEU B 95 -9.73 11.68 14.62
CA LEU B 95 -10.98 10.87 14.74
C LEU B 95 -10.74 9.37 14.47
N LYS B 96 -9.89 9.05 13.49
CA LYS B 96 -9.67 7.63 13.08
C LYS B 96 -9.22 6.78 14.29
N GLY B 97 -9.87 5.63 14.49
CA GLY B 97 -9.52 4.71 15.59
C GLY B 97 -10.19 5.11 16.90
N LYS B 98 -10.95 6.20 16.90
CA LYS B 98 -11.63 6.67 18.12
C LYS B 98 -13.13 6.81 17.84
N TYR B 99 -13.88 7.21 18.86
CA TYR B 99 -15.35 7.39 18.78
C TYR B 99 -15.66 8.86 19.02
N VAL B 100 -16.52 9.41 18.18
CA VAL B 100 -16.88 10.85 18.30
C VAL B 100 -18.32 10.95 18.79
N GLN B 101 -18.53 11.72 19.86
CA GLN B 101 -19.87 11.98 20.42
C GLN B 101 -20.43 13.21 19.71
N ILE B 102 -21.61 13.08 19.12
CA ILE B 102 -22.27 14.19 18.36
C ILE B 102 -23.58 14.49 19.07
N PRO B 103 -23.90 15.76 19.38
CA PRO B 103 -25.17 16.09 20.00
C PRO B 103 -26.31 15.48 19.15
N THR B 104 -27.33 14.91 19.80
CA THR B 104 -28.46 14.26 19.07
C THR B 104 -29.06 15.24 18.04
N THR B 105 -29.12 16.53 18.36
CA THR B 105 -29.72 17.56 17.45
C THR B 105 -28.90 17.72 16.17
N CYS B 106 -27.65 17.25 16.13
CA CYS B 106 -26.78 17.42 14.93
C CYS B 106 -26.34 16.06 14.36
N ALA B 107 -26.84 14.96 14.94
CA ALA B 107 -26.44 13.58 14.55
C ALA B 107 -26.84 13.26 13.11
N ASN B 108 -27.58 14.15 12.45
CA ASN B 108 -27.97 13.95 11.03
C ASN B 108 -26.81 14.34 10.11
N ASP B 109 -25.79 15.06 10.63
CA ASP B 109 -24.62 15.47 9.81
C ASP B 109 -23.37 15.47 10.69
N PRO B 110 -22.88 14.30 11.14
CA PRO B 110 -21.70 14.23 11.99
C PRO B 110 -20.46 14.86 11.33
N VAL B 111 -20.29 14.68 10.02
CA VAL B 111 -19.10 15.22 9.31
C VAL B 111 -19.09 16.74 9.43
N GLY B 112 -20.20 17.40 9.10
CA GLY B 112 -20.28 18.87 9.20
C GLY B 112 -20.10 19.34 10.62
N PHE B 113 -20.56 18.56 11.60
CA PHE B 113 -20.43 18.94 13.02
C PHE B 113 -18.96 18.96 13.43
N THR B 114 -18.20 17.91 13.09
CA THR B 114 -16.77 17.82 13.48
C THR B 114 -15.96 18.92 12.77
N LEU B 115 -16.38 19.30 11.56
CA LEU B 115 -15.65 20.35 10.80
C LEU B 115 -15.91 21.74 11.40
N LYS B 116 -17.17 22.04 11.75
CA LYS B 116 -17.55 23.39 12.23
C LYS B 116 -17.25 23.56 13.73
N ASN B 117 -17.00 22.49 14.48
CA ASN B 117 -16.77 22.64 15.94
C ASN B 117 -15.35 22.20 16.33
N THR B 118 -14.91 22.62 17.52
CA THR B 118 -13.57 22.30 18.07
C THR B 118 -13.69 21.79 19.51
N VAL B 119 -12.74 20.96 19.94
CA VAL B 119 -12.74 20.35 21.30
C VAL B 119 -11.95 21.24 22.27
N CYS B 120 -12.42 21.33 23.52
CA CYS B 120 -11.73 22.08 24.61
C CYS B 120 -10.54 21.23 25.08
N THR B 121 -9.33 21.80 25.04
CA THR B 121 -8.09 21.09 25.44
C THR B 121 -8.08 20.84 26.96
N VAL B 122 -8.92 21.56 27.70
CA VAL B 122 -8.93 21.45 29.20
C VAL B 122 -9.85 20.30 29.63
N CYS B 123 -11.14 20.34 29.27
CA CYS B 123 -12.11 19.32 29.73
C CYS B 123 -12.35 18.23 28.67
N GLY B 124 -11.94 18.46 27.41
CA GLY B 124 -12.15 17.46 26.34
C GLY B 124 -13.57 17.51 25.80
N MET B 125 -14.38 18.48 26.21
CA MET B 125 -15.78 18.60 25.72
C MET B 125 -15.79 19.51 24.49
N TRP B 126 -16.82 19.37 23.64
CA TRP B 126 -16.98 20.29 22.49
C TRP B 126 -17.22 21.70 23.01
N LYS B 127 -16.66 22.72 22.35
CA LYS B 127 -16.96 24.12 22.74
C LYS B 127 -18.37 24.43 22.27
N GLY B 128 -19.22 24.94 23.18
CA GLY B 128 -20.62 25.28 22.87
C GLY B 128 -21.57 24.09 23.00
N TYR B 129 -21.03 22.91 23.34
CA TYR B 129 -21.87 21.69 23.48
C TYR B 129 -21.28 20.78 24.58
N GLY B 130 -21.06 21.32 25.78
CA GLY B 130 -20.53 20.51 26.89
C GLY B 130 -19.45 21.23 27.69
N CYS B 131 -18.61 22.03 27.03
CA CYS B 131 -17.52 22.75 27.74
C CYS B 131 -18.14 23.87 28.58
N SER B 132 -17.90 23.84 29.89
CA SER B 132 -18.39 24.89 30.83
C SER B 132 -17.20 25.51 31.56
N CYS B 133 -16.03 25.52 30.91
CA CYS B 133 -14.78 26.10 31.49
C CYS B 133 -14.93 27.62 31.67
N ASP B 134 -15.64 28.27 30.75
CA ASP B 134 -15.82 29.75 30.79
C ASP B 134 -16.85 30.12 31.87
N GLN B 135 -17.14 29.18 32.78
CA GLN B 135 -18.12 29.40 33.88
C GLN B 135 -17.47 28.98 35.21
N MET B 140 -19.89 32.28 42.81
CA MET B 140 -21.04 31.34 42.79
C MET B 140 -21.45 30.99 44.23
N LEU B 141 -22.33 29.98 44.39
CA LEU B 141 -22.80 29.53 45.72
C LEU B 141 -22.43 28.05 45.90
N GLN B 142 -21.43 27.77 46.76
CA GLN B 142 -20.95 26.38 47.01
C GLN B 142 -21.88 25.66 47.99
N ALA C 3 37.43 19.90 -23.26
CA ALA C 3 38.62 19.43 -22.50
C ALA C 3 39.10 18.10 -23.09
N SER C 4 39.59 18.14 -24.34
CA SER C 4 40.05 16.93 -25.07
C SER C 4 38.86 16.01 -25.34
N SER C 5 37.79 16.58 -25.93
CA SER C 5 36.53 15.87 -26.27
C SER C 5 35.82 15.38 -25.00
N GLN C 6 36.43 15.57 -23.82
CA GLN C 6 35.82 15.09 -22.55
C GLN C 6 34.54 15.88 -22.27
N ALA C 7 34.55 17.20 -22.50
CA ALA C 7 33.36 18.05 -22.23
C ALA C 7 32.20 17.69 -23.17
N TRP C 8 32.48 17.03 -24.31
CA TRP C 8 31.41 16.66 -25.27
C TRP C 8 30.74 15.34 -24.84
N GLN C 9 31.43 14.55 -23.99
N GLN C 9 31.42 14.56 -23.98
CA GLN C 9 30.90 13.26 -23.49
CA GLN C 9 30.90 13.25 -23.51
C GLN C 9 29.82 13.50 -22.45
C GLN C 9 29.83 13.49 -22.44
N PRO C 10 28.98 12.48 -22.12
CA PRO C 10 27.98 12.64 -21.06
C PRO C 10 28.64 12.67 -19.68
N GLY C 11 29.86 12.13 -19.59
CA GLY C 11 30.59 12.12 -18.31
C GLY C 11 31.91 11.39 -18.45
N VAL C 12 32.51 11.02 -17.31
CA VAL C 12 33.83 10.34 -17.34
C VAL C 12 33.79 9.08 -16.47
N ALA C 13 34.35 8.00 -16.98
CA ALA C 13 34.46 6.73 -16.25
C ALA C 13 35.87 6.60 -15.67
N MET C 14 35.98 5.97 -14.51
CA MET C 14 37.26 5.75 -13.80
C MET C 14 38.18 4.88 -14.66
N PRO C 15 39.36 5.38 -15.08
CA PRO C 15 40.28 4.61 -15.90
C PRO C 15 40.80 3.35 -15.20
N ASN C 16 41.17 2.35 -16.00
CA ASN C 16 41.65 1.02 -15.52
C ASN C 16 42.81 1.14 -14.52
N LEU C 17 43.81 1.97 -14.84
CA LEU C 17 45.01 2.04 -13.97
C LEU C 17 44.65 2.53 -12.57
N TYR C 18 43.65 3.42 -12.44
CA TYR C 18 43.24 3.93 -11.11
C TYR C 18 42.58 2.81 -10.31
N LYS C 19 41.86 1.89 -10.98
CA LYS C 19 41.20 0.77 -10.28
C LYS C 19 42.24 -0.21 -9.73
N MET C 20 43.46 -0.20 -10.27
CA MET C 20 44.50 -1.20 -9.87
C MET C 20 45.45 -0.64 -8.81
N GLN C 21 45.14 0.52 -8.24
CA GLN C 21 46.04 1.10 -7.20
C GLN C 21 45.71 0.48 -5.83
N ARG C 22 46.48 0.85 -4.81
CA ARG C 22 46.20 0.40 -3.41
C ARG C 22 46.32 1.65 -2.54
N MET C 23 45.49 2.65 -2.82
CA MET C 23 45.56 3.94 -2.09
C MET C 23 44.92 3.83 -0.71
N LEU C 24 45.36 4.70 0.21
CA LEU C 24 44.74 4.85 1.55
C LEU C 24 43.70 5.94 1.40
N LEU C 25 42.58 5.84 2.13
CA LEU C 25 41.49 6.83 1.96
C LEU C 25 41.97 8.22 2.38
N GLU C 26 41.79 9.21 1.49
CA GLU C 26 42.14 10.62 1.77
C GLU C 26 40.86 11.46 1.68
N LYS C 27 40.92 12.69 2.18
CA LYS C 27 39.78 13.62 2.09
C LYS C 27 39.61 14.03 0.63
N CYS C 28 38.36 14.11 0.16
CA CYS C 28 38.12 14.53 -1.25
C CYS C 28 38.21 16.07 -1.32
N ASP C 29 38.96 16.59 -2.28
CA ASP C 29 39.16 18.05 -2.42
C ASP C 29 39.12 18.43 -3.91
N LEU C 30 37.93 18.72 -4.41
CA LEU C 30 37.75 19.11 -5.83
C LEU C 30 37.95 20.63 -5.95
N GLN C 31 38.73 21.08 -6.93
CA GLN C 31 39.00 22.53 -7.09
C GLN C 31 37.73 23.26 -7.53
N ASN C 32 36.79 22.57 -8.18
CA ASN C 32 35.52 23.24 -8.60
C ASN C 32 34.39 22.84 -7.64
N TYR C 33 34.72 22.32 -6.45
CA TYR C 33 33.67 21.80 -5.53
C TYR C 33 32.52 22.79 -5.35
N GLY C 34 31.29 22.31 -5.59
CA GLY C 34 30.07 23.12 -5.37
C GLY C 34 29.71 24.01 -6.53
N ASP C 35 30.58 24.14 -7.54
CA ASP C 35 30.27 24.99 -8.73
C ASP C 35 28.99 24.47 -9.41
N SER C 36 28.19 25.41 -9.93
CA SER C 36 26.90 25.09 -10.61
C SER C 36 27.12 24.89 -12.11
N ALA C 37 26.43 23.89 -12.67
CA ALA C 37 26.52 23.63 -14.12
C ALA C 37 25.58 24.60 -14.86
N THR C 38 25.99 25.03 -16.05
CA THR C 38 25.12 25.84 -16.93
C THR C 38 24.22 24.85 -17.68
N LEU C 39 22.92 24.83 -17.39
CA LEU C 39 22.00 23.86 -18.03
C LEU C 39 21.14 24.55 -19.08
N PRO C 40 20.62 23.81 -20.07
CA PRO C 40 19.70 24.39 -21.04
C PRO C 40 18.55 25.03 -20.25
N LYS C 41 17.95 26.06 -20.85
CA LYS C 41 16.85 26.86 -20.24
C LYS C 41 15.72 25.96 -19.71
N GLY C 42 15.39 26.09 -18.42
CA GLY C 42 14.24 25.41 -17.79
C GLY C 42 14.45 23.93 -17.52
N ILE C 43 15.68 23.43 -17.65
CA ILE C 43 15.97 21.99 -17.38
C ILE C 43 16.46 21.83 -15.93
N MET C 44 15.86 20.89 -15.19
CA MET C 44 16.25 20.59 -13.79
C MET C 44 17.57 19.83 -13.75
N MET C 45 18.29 19.98 -12.65
CA MET C 45 19.58 19.28 -12.41
C MET C 45 19.42 17.77 -12.61
N ASN C 46 18.39 17.14 -12.03
CA ASN C 46 18.29 15.67 -12.13
C ASN C 46 17.80 15.23 -13.50
N VAL C 47 17.07 16.06 -14.24
CA VAL C 47 16.77 15.64 -15.64
C VAL C 47 18.11 15.57 -16.39
N ALA C 48 18.95 16.59 -16.24
CA ALA C 48 20.27 16.62 -16.91
C ALA C 48 21.12 15.43 -16.47
N LYS C 49 21.20 15.18 -15.16
CA LYS C 49 22.06 14.11 -14.59
C LYS C 49 21.60 12.72 -15.07
N TYR C 50 20.30 12.43 -14.99
CA TYR C 50 19.83 11.09 -15.42
C TYR C 50 19.96 10.95 -16.92
N THR C 51 19.79 12.05 -17.67
CA THR C 51 19.97 11.97 -19.14
C THR C 51 21.41 11.58 -19.45
N GLN C 52 22.39 12.15 -18.73
CA GLN C 52 23.82 11.81 -18.99
C GLN C 52 24.10 10.38 -18.54
N LEU C 53 23.56 9.95 -17.40
CA LEU C 53 23.76 8.54 -16.99
C LEU C 53 23.20 7.59 -18.07
N CYS C 54 21.99 7.85 -18.55
CA CYS C 54 21.37 6.99 -19.60
C CYS C 54 22.17 7.05 -20.90
N GLN C 55 22.68 8.23 -21.26
CA GLN C 55 23.52 8.35 -22.49
C GLN C 55 24.74 7.44 -22.32
N TYR C 56 25.29 7.40 -21.11
CA TYR C 56 26.47 6.53 -20.88
C TYR C 56 26.06 5.06 -20.91
N LEU C 57 24.92 4.72 -20.30
CA LEU C 57 24.45 3.30 -20.27
C LEU C 57 24.17 2.82 -21.71
N ASN C 58 23.84 3.74 -22.62
CA ASN C 58 23.62 3.37 -24.05
C ASN C 58 24.92 2.84 -24.68
N THR C 59 26.08 3.14 -24.08
CA THR C 59 27.35 2.67 -24.70
C THR C 59 27.73 1.29 -24.13
N LEU C 60 26.95 0.74 -23.19
CA LEU C 60 27.30 -0.54 -22.52
C LEU C 60 26.50 -1.71 -23.13
N THR C 61 26.87 -2.94 -22.75
CA THR C 61 26.20 -4.18 -23.25
C THR C 61 25.00 -4.54 -22.35
N LEU C 62 24.07 -3.61 -22.14
CA LEU C 62 22.88 -3.90 -21.30
C LEU C 62 21.96 -4.91 -22.00
N ALA C 63 21.46 -5.88 -21.24
CA ALA C 63 20.43 -6.79 -21.75
C ALA C 63 19.11 -6.02 -21.77
N VAL C 64 18.34 -6.14 -22.85
CA VAL C 64 17.05 -5.39 -22.97
C VAL C 64 15.98 -6.35 -23.48
N PRO C 65 15.50 -7.26 -22.60
N PRO C 65 15.32 -7.09 -22.55
CA PRO C 65 14.48 -8.21 -22.99
CA PRO C 65 14.25 -8.00 -22.93
C PRO C 65 13.11 -7.55 -23.12
C PRO C 65 12.94 -7.30 -23.34
N TYR C 66 12.23 -8.14 -23.92
N TYR C 66 12.02 -8.06 -23.92
CA TYR C 66 10.83 -7.65 -23.95
CA TYR C 66 10.67 -7.58 -24.33
C TYR C 66 10.34 -7.62 -22.49
C TYR C 66 9.89 -7.08 -23.11
N ASN C 67 9.53 -6.62 -22.12
N ASN C 67 9.98 -7.80 -21.98
CA ASN C 67 8.97 -6.57 -20.75
CA ASN C 67 9.30 -7.36 -20.72
C ASN C 67 10.11 -6.50 -19.72
C ASN C 67 10.36 -7.09 -19.67
N MET C 68 11.13 -5.70 -20.02
N MET C 68 11.21 -6.12 -19.97
CA MET C 68 12.28 -5.55 -19.11
CA MET C 68 12.30 -5.67 -19.09
C MET C 68 11.76 -5.05 -17.75
C MET C 68 11.70 -5.20 -17.77
N ARG C 69 12.37 -5.51 -16.66
CA ARG C 69 11.92 -5.13 -15.30
C ARG C 69 12.96 -4.18 -14.69
N VAL C 70 12.54 -2.95 -14.38
CA VAL C 70 13.49 -1.94 -13.84
C VAL C 70 12.95 -1.41 -12.51
N ILE C 71 13.84 -1.34 -11.52
CA ILE C 71 13.42 -0.77 -10.20
C ILE C 71 14.36 0.39 -9.88
N HIS C 72 13.77 1.51 -9.47
CA HIS C 72 14.48 2.77 -9.19
C HIS C 72 14.28 3.18 -7.73
N PHE C 73 15.33 3.04 -6.92
CA PHE C 73 15.31 3.41 -5.48
C PHE C 73 15.79 4.84 -5.31
N GLY C 74 15.24 5.57 -4.35
CA GLY C 74 15.62 6.97 -4.13
C GLY C 74 15.13 7.86 -5.25
N ALA C 75 13.91 7.61 -5.74
CA ALA C 75 13.33 8.33 -6.90
C ALA C 75 12.60 9.60 -6.47
N GLY C 76 12.32 9.78 -5.19
CA GLY C 76 11.61 10.99 -4.76
C GLY C 76 12.56 12.17 -4.68
N SER C 77 12.01 13.38 -4.55
CA SER C 77 12.85 14.59 -4.40
C SER C 77 12.14 15.53 -3.43
N ASP C 78 12.84 16.56 -2.96
CA ASP C 78 12.23 17.56 -2.04
C ASP C 78 11.16 18.35 -2.81
N LYS C 79 11.07 18.18 -4.13
CA LYS C 79 10.08 18.91 -4.97
C LYS C 79 8.73 18.16 -5.00
N GLY C 80 8.70 16.92 -4.51
CA GLY C 80 7.47 16.10 -4.54
C GLY C 80 7.27 15.41 -5.89
N VAL C 81 8.24 15.51 -6.80
CA VAL C 81 8.14 14.85 -8.14
C VAL C 81 9.37 13.94 -8.32
N ALA C 82 9.42 13.19 -9.43
CA ALA C 82 10.49 12.21 -9.70
C ALA C 82 11.12 12.51 -11.06
N PRO C 83 12.01 13.51 -11.16
CA PRO C 83 12.64 13.86 -12.44
C PRO C 83 13.39 12.66 -13.04
N GLY C 84 14.14 11.95 -12.19
CA GLY C 84 14.91 10.77 -12.62
C GLY C 84 14.01 9.70 -13.22
N THR C 85 12.89 9.41 -12.58
CA THR C 85 11.92 8.40 -13.11
C THR C 85 11.40 8.88 -14.46
N ALA C 86 11.11 10.18 -14.61
CA ALA C 86 10.60 10.67 -15.92
C ALA C 86 11.65 10.41 -17.02
N VAL C 87 12.93 10.59 -16.72
CA VAL C 87 14.01 10.33 -17.72
C VAL C 87 14.10 8.81 -17.99
N LEU C 88 14.10 7.98 -16.95
CA LEU C 88 14.19 6.51 -17.17
C LEU C 88 13.01 6.07 -18.06
N ARG C 89 11.84 6.67 -17.83
CA ARG C 89 10.61 6.30 -18.57
C ARG C 89 10.77 6.69 -20.05
N GLN C 90 11.42 7.83 -20.29
CA GLN C 90 11.69 8.33 -21.66
C GLN C 90 12.70 7.41 -22.35
N TRP C 91 13.68 6.96 -21.59
CA TRP C 91 14.81 6.14 -22.10
C TRP C 91 14.39 4.70 -22.38
N LEU C 92 13.66 4.08 -21.46
CA LEU C 92 13.34 2.64 -21.55
C LEU C 92 12.28 2.40 -22.63
N PRO C 93 12.40 1.26 -23.35
N PRO C 93 12.22 1.17 -23.20
CA PRO C 93 11.46 0.94 -24.43
CA PRO C 93 11.15 0.83 -24.14
C PRO C 93 10.02 0.74 -23.95
C PRO C 93 9.78 1.06 -23.45
N THR C 94 9.06 1.06 -24.82
N THR C 94 8.75 1.42 -24.23
CA THR C 94 7.62 0.87 -24.54
CA THR C 94 7.40 1.70 -23.65
C THR C 94 7.40 -0.57 -24.07
C THR C 94 6.86 0.47 -22.90
N GLY C 95 6.64 -0.76 -23.00
N GLY C 95 7.23 -0.74 -23.35
CA GLY C 95 6.37 -2.10 -22.45
CA GLY C 95 6.76 -2.00 -22.75
C GLY C 95 7.19 -2.39 -21.19
C GLY C 95 7.53 -2.41 -21.50
N THR C 96 8.29 -1.65 -20.99
N THR C 96 8.41 -1.53 -21.01
CA THR C 96 9.19 -1.87 -19.84
CA THR C 96 9.24 -1.88 -19.82
C THR C 96 8.45 -1.59 -18.52
C THR C 96 8.46 -1.60 -18.52
N LEU C 97 8.52 -2.53 -17.57
CA LEU C 97 7.88 -2.37 -16.24
C LEU C 97 8.85 -1.54 -15.38
N LEU C 98 8.40 -0.37 -14.91
CA LEU C 98 9.26 0.52 -14.11
C LEU C 98 8.61 0.74 -12.75
N VAL C 99 9.30 0.33 -11.69
CA VAL C 99 8.83 0.54 -10.30
C VAL C 99 9.78 1.52 -9.62
N ASP C 100 9.25 2.49 -8.89
CA ASP C 100 10.17 3.39 -8.14
C ASP C 100 9.77 3.44 -6.67
N SER C 101 10.66 4.02 -5.87
CA SER C 101 10.47 3.97 -4.40
C SER C 101 11.27 5.09 -3.74
N ASP C 102 10.79 5.54 -2.59
CA ASP C 102 11.52 6.56 -1.81
C ASP C 102 10.97 6.54 -0.39
N LEU C 103 11.80 6.97 0.55
CA LEU C 103 11.40 7.08 1.97
C LEU C 103 10.24 8.07 2.07
N ASN C 104 10.26 9.13 1.26
CA ASN C 104 9.27 10.24 1.31
C ASN C 104 8.27 10.16 0.16
N ASP C 105 7.05 10.63 0.38
CA ASP C 105 5.98 10.57 -0.65
C ASP C 105 6.35 11.48 -1.83
N PHE C 106 5.96 11.10 -3.04
CA PHE C 106 6.19 11.89 -4.27
C PHE C 106 5.24 11.39 -5.34
N VAL C 107 5.04 12.17 -6.41
CA VAL C 107 4.21 11.68 -7.55
C VAL C 107 5.19 11.27 -8.66
N SER C 108 4.88 10.16 -9.33
CA SER C 108 5.81 9.51 -10.27
C SER C 108 5.09 9.06 -11.55
N ASP C 109 5.89 8.85 -12.60
CA ASP C 109 5.42 8.35 -13.91
C ASP C 109 5.64 6.83 -13.94
N ALA C 110 6.13 6.25 -12.84
CA ALA C 110 6.40 4.79 -12.80
C ALA C 110 5.08 3.99 -12.85
N ASP C 111 5.18 2.73 -13.28
CA ASP C 111 4.00 1.81 -13.33
C ASP C 111 3.52 1.57 -11.90
N SER C 112 4.44 1.55 -10.94
CA SER C 112 4.07 1.36 -9.52
C SER C 112 5.08 2.09 -8.63
N THR C 113 4.60 2.67 -7.54
CA THR C 113 5.43 3.45 -6.58
C THR C 113 5.23 2.92 -5.15
N LEU C 114 6.34 2.69 -4.44
CA LEU C 114 6.28 2.24 -3.03
C LEU C 114 6.95 3.31 -2.15
N ILE C 115 6.24 3.77 -1.13
CA ILE C 115 6.75 4.83 -0.21
C ILE C 115 7.17 4.15 1.09
N GLY C 116 8.36 4.49 1.59
CA GLY C 116 8.89 3.92 2.84
C GLY C 116 10.36 3.56 2.70
N ASP C 117 10.99 3.19 3.83
CA ASP C 117 12.42 2.76 3.84
C ASP C 117 12.57 1.62 2.83
N CYS C 118 13.65 1.60 2.05
CA CYS C 118 13.82 0.52 1.05
C CYS C 118 13.84 -0.85 1.72
N ALA C 119 14.22 -0.90 3.01
CA ALA C 119 14.28 -2.19 3.75
C ALA C 119 12.87 -2.81 3.89
N THR C 120 11.80 -2.02 3.66
CA THR C 120 10.41 -2.51 3.78
C THR C 120 9.91 -3.01 2.41
N VAL C 121 10.73 -2.89 1.36
CA VAL C 121 10.31 -3.29 -0.02
C VAL C 121 10.64 -4.78 -0.24
N HIS C 122 9.64 -5.55 -0.62
CA HIS C 122 9.80 -7.01 -0.89
C HIS C 122 9.32 -7.31 -2.31
N THR C 123 9.87 -8.37 -2.89
CA THR C 123 9.50 -8.85 -4.24
C THR C 123 9.95 -10.30 -4.36
N ALA C 124 9.18 -11.15 -5.01
CA ALA C 124 9.60 -12.56 -5.22
C ALA C 124 10.27 -12.66 -6.61
N ASN C 125 10.21 -11.57 -7.37
CA ASN C 125 10.70 -11.55 -8.78
C ASN C 125 12.15 -11.08 -8.88
N LYS C 126 12.77 -11.39 -10.02
CA LYS C 126 14.14 -10.92 -10.32
C LYS C 126 14.02 -9.72 -11.25
N TRP C 127 15.00 -8.81 -11.18
CA TRP C 127 14.99 -7.56 -11.96
C TRP C 127 16.11 -7.58 -12.99
N ASP C 128 15.95 -6.79 -14.06
CA ASP C 128 16.93 -6.73 -15.18
C ASP C 128 17.83 -5.51 -14.98
N LEU C 129 17.34 -4.49 -14.26
CA LEU C 129 18.13 -3.26 -14.06
C LEU C 129 17.73 -2.64 -12.72
N ILE C 130 18.73 -2.33 -11.90
CA ILE C 130 18.51 -1.66 -10.59
C ILE C 130 19.21 -0.30 -10.63
N ILE C 131 18.46 0.78 -10.45
CA ILE C 131 19.02 2.15 -10.36
C ILE C 131 18.77 2.64 -8.92
N SER C 132 19.81 3.11 -8.24
CA SER C 132 19.65 3.69 -6.89
C SER C 132 20.24 5.09 -6.86
N ASP C 133 19.45 6.07 -6.41
CA ASP C 133 19.94 7.45 -6.21
C ASP C 133 19.81 7.77 -4.72
N MET C 134 19.70 6.73 -3.91
CA MET C 134 19.54 6.92 -2.44
C MET C 134 20.78 7.56 -1.84
N TYR C 135 20.53 8.45 -0.88
CA TYR C 135 21.55 9.17 -0.09
C TYR C 135 20.92 9.46 1.28
N ASP C 136 21.57 9.00 2.34
CA ASP C 136 21.05 9.21 3.72
C ASP C 136 21.45 10.61 4.18
N PRO C 137 20.48 11.49 4.51
CA PRO C 137 20.80 12.86 4.93
C PRO C 137 21.80 12.98 6.11
N LYS C 138 21.87 11.97 6.98
CA LYS C 138 22.81 12.07 8.14
C LYS C 138 24.26 11.92 7.64
N THR C 139 24.45 11.47 6.41
CA THR C 139 25.82 11.33 5.84
C THR C 139 26.51 12.70 5.84
N LYS C 140 25.73 13.79 5.80
CA LYS C 140 26.26 15.17 5.77
C LYS C 140 26.96 15.50 7.10
N ASN C 141 26.62 14.78 8.17
N ASN C 141 26.63 14.77 8.16
CA ASN C 141 27.28 15.00 9.48
CA ASN C 141 27.26 14.99 9.48
C ASN C 141 28.55 14.15 9.51
C ASN C 141 28.56 14.15 9.54
N VAL C 142 29.68 14.72 9.10
CA VAL C 142 30.99 14.00 9.12
C VAL C 142 31.62 14.28 10.49
N THR C 143 31.47 13.37 11.45
CA THR C 143 31.99 13.57 12.82
C THR C 143 33.22 12.70 13.05
N LYS C 144 33.23 11.48 12.49
CA LYS C 144 34.37 10.56 12.73
C LYS C 144 35.03 10.18 11.40
N GLU C 145 35.76 9.06 11.42
CA GLU C 145 36.46 8.51 10.24
C GLU C 145 35.44 8.22 9.13
N ASN C 146 35.84 8.41 7.88
CA ASN C 146 34.96 8.12 6.73
C ASN C 146 34.92 6.59 6.57
N ASP C 147 34.04 5.91 7.30
CA ASP C 147 34.01 4.42 7.23
C ASP C 147 32.88 3.96 6.29
N SER C 148 32.91 2.67 5.96
CA SER C 148 31.87 2.02 5.11
C SER C 148 30.50 2.24 5.77
N LYS C 149 29.52 2.72 5.02
CA LYS C 149 28.17 2.99 5.59
C LYS C 149 27.26 1.78 5.42
N GLU C 150 26.33 1.59 6.36
CA GLU C 150 25.33 0.50 6.33
C GLU C 150 24.03 1.11 5.78
N GLY C 151 22.98 1.20 6.59
CA GLY C 151 21.70 1.77 6.12
C GLY C 151 21.21 1.07 4.86
N PHE C 152 20.80 1.83 3.86
CA PHE C 152 20.23 1.24 2.62
C PHE C 152 21.30 0.44 1.85
N PHE C 153 22.60 0.68 2.06
CA PHE C 153 23.63 -0.10 1.33
C PHE C 153 23.53 -1.59 1.68
N THR C 154 23.21 -1.90 2.93
CA THR C 154 23.05 -3.31 3.34
C THR C 154 21.87 -3.91 2.55
N TYR C 155 20.78 -3.16 2.41
CA TYR C 155 19.61 -3.67 1.67
C TYR C 155 19.97 -3.86 0.19
N ILE C 156 20.67 -2.90 -0.42
CA ILE C 156 21.05 -2.94 -1.87
C ILE C 156 21.95 -4.15 -2.14
N CYS C 157 22.93 -4.42 -1.28
CA CYS C 157 23.81 -5.61 -1.52
C CYS C 157 22.98 -6.89 -1.49
N GLY C 158 22.08 -7.03 -0.51
CA GLY C 158 21.20 -8.20 -0.45
C GLY C 158 20.28 -8.28 -1.67
N PHE C 159 19.73 -7.14 -2.09
CA PHE C 159 18.81 -7.08 -3.25
C PHE C 159 19.54 -7.53 -4.52
N ILE C 160 20.76 -7.07 -4.73
CA ILE C 160 21.57 -7.48 -5.91
C ILE C 160 21.82 -8.99 -5.86
N GLN C 161 22.19 -9.52 -4.70
CA GLN C 161 22.54 -10.96 -4.61
C GLN C 161 21.31 -11.89 -4.65
N GLN C 162 20.13 -11.35 -4.34
N GLN C 162 20.12 -11.36 -4.36
CA GLN C 162 18.90 -12.19 -4.27
CA GLN C 162 18.92 -12.26 -4.33
C GLN C 162 17.94 -11.90 -5.42
C GLN C 162 17.91 -11.90 -5.43
N LYS C 163 17.87 -10.65 -5.88
CA LYS C 163 16.81 -10.24 -6.84
C LYS C 163 17.31 -9.74 -8.20
N LEU C 164 18.60 -9.82 -8.51
CA LEU C 164 19.05 -9.36 -9.85
C LEU C 164 19.21 -10.58 -10.75
N ALA C 165 18.54 -10.55 -11.90
CA ALA C 165 18.68 -11.65 -12.88
C ALA C 165 20.13 -11.76 -13.35
N LEU C 166 20.61 -12.98 -13.64
CA LEU C 166 21.95 -13.09 -14.26
C LEU C 166 21.86 -12.35 -15.61
N GLY C 167 22.89 -11.57 -15.94
CA GLY C 167 22.89 -10.74 -17.16
C GLY C 167 22.36 -9.34 -16.90
N GLY C 168 21.73 -9.14 -15.73
CA GLY C 168 21.18 -7.82 -15.35
C GLY C 168 22.29 -6.84 -14.98
N SER C 169 21.92 -5.56 -14.83
CA SER C 169 22.91 -4.48 -14.55
C SER C 169 22.42 -3.57 -13.43
N VAL C 170 23.32 -2.80 -12.85
CA VAL C 170 22.98 -1.86 -11.75
C VAL C 170 23.72 -0.54 -11.96
N ALA C 171 23.13 0.54 -11.47
CA ALA C 171 23.78 1.87 -11.38
C ALA C 171 23.44 2.40 -9.98
N ILE C 172 24.43 2.38 -9.08
CA ILE C 172 24.20 2.73 -7.65
C ILE C 172 24.97 4.00 -7.31
N LYS C 173 24.26 5.01 -6.85
CA LYS C 173 24.93 6.30 -6.54
C LYS C 173 25.73 6.20 -5.24
N ILE C 174 26.95 6.72 -5.28
CA ILE C 174 27.86 6.86 -4.10
C ILE C 174 28.42 8.28 -4.11
N THR C 175 28.99 8.69 -2.98
CA THR C 175 29.69 9.98 -2.83
C THR C 175 30.93 9.73 -1.99
N GLU C 176 31.71 10.76 -1.72
CA GLU C 176 32.91 10.56 -0.85
C GLU C 176 32.50 9.84 0.45
N HIS C 177 31.43 10.28 1.10
CA HIS C 177 31.04 9.71 2.42
C HIS C 177 29.89 8.70 2.31
N SER C 178 29.13 8.71 1.20
CA SER C 178 28.02 7.74 1.02
C SER C 178 28.52 6.56 0.21
N TRP C 179 29.02 5.52 0.87
CA TRP C 179 29.61 4.37 0.15
C TRP C 179 29.60 3.15 1.06
N ASN C 180 29.86 1.98 0.47
CA ASN C 180 29.85 0.70 1.20
C ASN C 180 30.89 -0.22 0.59
N ALA C 181 31.71 -0.86 1.43
CA ALA C 181 32.80 -1.75 0.97
C ALA C 181 32.22 -2.99 0.29
N ASP C 182 31.13 -3.54 0.81
CA ASP C 182 30.51 -4.77 0.24
C ASP C 182 29.96 -4.49 -1.15
N LEU C 183 29.42 -3.29 -1.39
CA LEU C 183 28.92 -2.94 -2.76
C LEU C 183 30.10 -2.94 -3.74
N TYR C 184 31.26 -2.36 -3.38
CA TYR C 184 32.43 -2.39 -4.28
C TYR C 184 32.84 -3.84 -4.54
N LYS C 185 32.81 -4.66 -3.49
CA LYS C 185 33.19 -6.08 -3.65
C LYS C 185 32.22 -6.77 -4.62
N LEU C 186 30.94 -6.39 -4.57
CA LEU C 186 29.90 -6.99 -5.45
C LEU C 186 30.14 -6.60 -6.91
N MET C 187 30.78 -5.45 -7.16
CA MET C 187 31.07 -5.01 -8.55
C MET C 187 31.92 -6.09 -9.25
N GLY C 188 32.64 -6.90 -8.47
CA GLY C 188 33.47 -7.98 -9.02
C GLY C 188 32.66 -9.18 -9.48
N HIS C 189 31.34 -9.15 -9.27
CA HIS C 189 30.43 -10.27 -9.65
C HIS C 189 29.76 -9.96 -10.99
N PHE C 190 30.22 -8.91 -11.68
CA PHE C 190 29.69 -8.48 -12.99
C PHE C 190 30.77 -8.70 -14.05
N ALA C 191 30.37 -8.82 -15.32
CA ALA C 191 31.34 -9.00 -16.41
C ALA C 191 32.26 -7.77 -16.45
N TRP C 192 31.72 -6.63 -16.03
CA TRP C 192 32.50 -5.38 -16.10
C TRP C 192 31.86 -4.37 -15.13
N TRP C 193 32.67 -3.45 -14.62
CA TRP C 193 32.12 -2.44 -13.69
C TRP C 193 32.93 -1.15 -13.84
N THR C 194 32.36 -0.04 -13.41
CA THR C 194 33.12 1.23 -13.37
C THR C 194 32.43 2.21 -12.41
N ALA C 195 33.12 3.31 -12.13
CA ALA C 195 32.55 4.44 -11.38
C ALA C 195 32.40 5.55 -12.42
N PHE C 196 31.18 6.03 -12.60
CA PHE C 196 30.89 7.02 -13.66
C PHE C 196 30.44 8.34 -13.04
N VAL C 197 31.09 9.42 -13.49
CA VAL C 197 30.78 10.80 -13.03
C VAL C 197 30.08 11.55 -14.16
N THR C 198 28.87 12.06 -13.91
CA THR C 198 28.16 12.85 -14.96
C THR C 198 28.88 14.19 -15.12
N ASN C 199 28.95 14.71 -16.34
CA ASN C 199 29.64 16.01 -16.57
C ASN C 199 28.87 17.16 -15.92
N VAL C 200 27.54 17.06 -15.76
CA VAL C 200 26.79 18.19 -15.13
C VAL C 200 27.06 18.21 -13.63
N ASN C 201 27.62 17.14 -13.06
CA ASN C 201 27.88 17.12 -11.59
C ASN C 201 29.37 16.83 -11.35
N ALA C 202 30.21 17.29 -12.26
CA ALA C 202 31.67 17.10 -12.13
C ALA C 202 32.20 17.79 -10.86
N SER C 203 31.43 18.74 -10.30
CA SER C 203 31.85 19.51 -9.11
C SER C 203 31.45 18.81 -7.80
N SER C 204 30.94 17.58 -7.91
CA SER C 204 30.51 16.76 -6.76
C SER C 204 31.33 15.48 -6.72
N SER C 205 31.47 14.85 -5.55
CA SER C 205 32.17 13.55 -5.41
C SER C 205 31.22 12.42 -5.79
N GLU C 206 29.99 12.79 -6.17
CA GLU C 206 28.97 11.82 -6.61
C GLU C 206 29.47 11.04 -7.83
N ALA C 207 29.18 9.74 -7.83
CA ALA C 207 29.45 8.85 -8.98
C ALA C 207 28.42 7.73 -8.95
N PHE C 208 28.20 7.09 -10.09
CA PHE C 208 27.35 5.89 -10.13
C PHE C 208 28.26 4.67 -10.26
N LEU C 209 28.17 3.74 -9.30
CA LEU C 209 28.89 2.46 -9.46
C LEU C 209 28.03 1.64 -10.42
N ILE C 210 28.58 1.31 -11.58
CA ILE C 210 27.83 0.57 -12.62
C ILE C 210 28.39 -0.84 -12.72
N GLY C 211 27.52 -1.82 -12.52
CA GLY C 211 27.83 -3.24 -12.72
C GLY C 211 27.14 -3.66 -13.99
N CYS C 212 27.90 -4.15 -14.97
CA CYS C 212 27.29 -4.52 -16.26
C CYS C 212 27.33 -6.04 -16.44
N ASN C 213 26.15 -6.67 -16.51
CA ASN C 213 25.98 -8.12 -16.79
C ASN C 213 26.38 -8.94 -15.54
N TYR C 214 25.42 -9.15 -14.63
CA TYR C 214 25.63 -9.88 -13.36
C TYR C 214 25.92 -11.35 -13.66
N LEU C 215 26.95 -11.90 -13.03
CA LEU C 215 27.38 -13.31 -13.25
C LEU C 215 27.02 -14.18 -12.05
N GLY C 216 26.61 -13.58 -10.93
CA GLY C 216 26.18 -14.34 -9.74
C GLY C 216 27.33 -15.03 -9.01
N LYS C 217 28.58 -14.69 -9.35
CA LYS C 217 29.80 -15.28 -8.76
C LYS C 217 30.93 -14.28 -9.00
N PRO C 218 31.96 -14.22 -8.13
CA PRO C 218 33.03 -13.25 -8.34
C PRO C 218 33.92 -13.61 -9.55
N ARG C 219 34.08 -12.70 -10.49
CA ARG C 219 35.03 -12.93 -11.60
C ARG C 219 36.35 -12.30 -11.15
N GLU C 220 36.28 -11.39 -10.18
CA GLU C 220 37.52 -10.79 -9.61
C GLU C 220 37.25 -10.44 -8.14
N GLN C 221 38.30 -10.56 -7.31
CA GLN C 221 38.21 -10.24 -5.87
C GLN C 221 38.51 -8.75 -5.68
N ILE C 222 37.53 -7.98 -5.22
CA ILE C 222 37.73 -6.51 -5.00
C ILE C 222 37.65 -6.20 -3.50
N ASP C 223 38.66 -5.46 -3.00
CA ASP C 223 38.70 -4.94 -1.62
C ASP C 223 38.02 -3.57 -1.67
N GLY C 224 36.82 -3.48 -1.09
CA GLY C 224 36.01 -2.25 -1.15
C GLY C 224 36.65 -1.05 -0.48
N TYR C 225 37.34 -1.23 0.65
CA TYR C 225 38.00 -0.10 1.35
C TYR C 225 39.07 0.49 0.42
N VAL C 226 39.81 -0.39 -0.25
CA VAL C 226 40.87 0.07 -1.19
C VAL C 226 40.22 0.69 -2.44
N MET C 227 39.14 0.10 -2.95
CA MET C 227 38.61 0.64 -4.22
C MET C 227 37.99 2.02 -3.99
N HIS C 228 37.38 2.26 -2.84
CA HIS C 228 36.82 3.62 -2.59
C HIS C 228 37.99 4.62 -2.46
N ALA C 229 39.07 4.22 -1.80
CA ALA C 229 40.26 5.10 -1.70
C ALA C 229 40.79 5.39 -3.11
N ASN C 230 40.79 4.37 -3.98
CA ASN C 230 41.25 4.54 -5.39
C ASN C 230 40.31 5.52 -6.10
N TYR C 231 39.01 5.42 -5.84
CA TYR C 231 38.04 6.34 -6.49
C TYR C 231 38.32 7.79 -6.06
N ILE C 232 38.49 8.03 -4.77
CA ILE C 232 38.76 9.42 -4.27
C ILE C 232 40.09 9.95 -4.84
N PHE C 233 41.13 9.11 -4.89
CA PHE C 233 42.44 9.51 -5.47
C PHE C 233 42.23 9.93 -6.92
N TRP C 234 41.49 9.13 -7.68
CA TRP C 234 41.19 9.50 -9.09
C TRP C 234 40.51 10.88 -9.13
N ARG C 235 39.45 11.07 -8.33
CA ARG C 235 38.71 12.38 -8.34
C ARG C 235 39.62 13.53 -7.89
N ASN C 236 40.48 13.31 -6.89
CA ASN C 236 41.38 14.38 -6.39
C ASN C 236 42.47 14.76 -7.40
N THR C 237 42.86 13.86 -8.31
CA THR C 237 43.99 14.18 -9.22
C THR C 237 43.50 14.42 -10.65
N ASN C 238 42.21 14.25 -10.93
CA ASN C 238 41.71 14.46 -12.30
C ASN C 238 40.49 15.38 -12.28
N PRO C 239 40.70 16.71 -12.28
CA PRO C 239 39.59 17.66 -12.31
C PRO C 239 38.74 17.46 -13.57
N ILE C 240 37.42 17.50 -13.40
CA ILE C 240 36.49 17.38 -14.55
C ILE C 240 35.78 18.73 -14.71
N GLN C 241 35.80 19.26 -15.93
CA GLN C 241 35.13 20.54 -16.24
C GLN C 241 33.61 20.29 -16.30
N LEU C 242 32.82 21.14 -15.63
CA LEU C 242 31.35 21.06 -15.69
C LEU C 242 30.92 21.20 -17.16
N SER C 243 30.01 20.35 -17.62
CA SER C 243 29.57 20.42 -19.04
C SER C 243 28.17 19.82 -19.19
N SER C 244 27.32 20.50 -19.95
CA SER C 244 25.94 20.07 -20.29
C SER C 244 25.87 19.88 -21.81
N TYR C 245 27.02 19.86 -22.48
CA TYR C 245 27.07 19.83 -23.96
C TYR C 245 26.38 18.57 -24.53
N SER C 246 26.49 17.41 -23.88
CA SER C 246 25.88 16.16 -24.41
C SER C 246 24.34 16.24 -24.40
N LEU C 247 23.75 17.18 -23.65
CA LEU C 247 22.27 17.28 -23.55
C LEU C 247 21.66 17.86 -24.83
N PHE C 248 22.48 18.49 -25.69
CA PHE C 248 21.93 19.18 -26.89
C PHE C 248 21.62 18.22 -28.04
N ASP C 249 22.21 17.02 -28.08
CA ASP C 249 21.85 16.08 -29.17
C ASP C 249 21.20 14.84 -28.55
N MET C 250 19.87 14.79 -28.64
CA MET C 250 19.05 13.70 -28.06
C MET C 250 18.56 12.76 -29.16
N SER C 251 19.08 12.88 -30.38
CA SER C 251 18.57 12.04 -31.51
C SER C 251 18.68 10.53 -31.23
N LYS C 252 19.75 10.04 -30.59
CA LYS C 252 19.83 8.56 -30.40
C LYS C 252 19.56 8.17 -28.93
N PHE C 253 18.85 9.00 -28.19
CA PHE C 253 18.72 8.78 -26.72
C PHE C 253 18.03 7.47 -26.33
N PRO C 254 16.84 7.10 -26.85
CA PRO C 254 16.14 5.90 -26.36
C PRO C 254 16.95 4.59 -26.39
N LEU C 255 16.83 3.81 -25.32
CA LEU C 255 17.50 2.50 -25.23
C LEU C 255 16.85 1.59 -26.28
N LYS C 256 17.66 1.01 -27.15
CA LYS C 256 17.14 0.15 -28.24
C LYS C 256 16.58 -1.16 -27.64
N LEU C 257 15.33 -1.49 -27.97
CA LEU C 257 14.74 -2.79 -27.53
C LEU C 257 15.46 -3.89 -28.30
N ARG C 258 16.05 -4.87 -27.60
CA ARG C 258 16.83 -5.95 -28.26
C ARG C 258 16.06 -7.28 -28.21
N GLY C 259 15.00 -7.36 -27.40
CA GLY C 259 14.27 -8.63 -27.24
C GLY C 259 15.23 -9.71 -26.76
N THR C 260 16.15 -9.32 -25.87
CA THR C 260 17.19 -10.22 -25.32
C THR C 260 16.53 -11.48 -24.78
N ALA C 261 17.07 -12.64 -25.15
CA ALA C 261 16.50 -13.93 -24.72
C ALA C 261 16.52 -14.02 -23.19
N VAL C 262 15.43 -14.54 -22.65
CA VAL C 262 15.30 -14.81 -21.19
C VAL C 262 15.15 -16.33 -21.05
N MET C 263 16.05 -16.97 -20.30
CA MET C 263 15.98 -18.44 -20.10
C MET C 263 15.95 -18.73 -18.60
N SER C 264 15.34 -19.86 -18.24
CA SER C 264 15.30 -20.31 -16.83
C SER C 264 16.25 -21.51 -16.72
N LEU C 265 17.51 -21.25 -16.37
CA LEU C 265 18.54 -22.33 -16.29
C LEU C 265 18.86 -22.64 -14.82
N LYS C 266 19.19 -23.91 -14.57
CA LYS C 266 19.55 -24.42 -13.22
C LYS C 266 21.02 -24.06 -12.97
N GLU C 267 21.46 -24.07 -11.71
CA GLU C 267 22.86 -23.70 -11.36
C GLU C 267 23.86 -24.56 -12.16
N GLY C 268 23.54 -25.84 -12.37
CA GLY C 268 24.45 -26.76 -13.08
C GLY C 268 24.42 -26.59 -14.59
N GLN C 269 23.56 -25.72 -15.13
CA GLN C 269 23.47 -25.53 -16.60
C GLN C 269 24.21 -24.25 -17.01
N ILE C 270 24.67 -23.46 -16.04
CA ILE C 270 25.38 -22.17 -16.30
C ILE C 270 26.88 -22.46 -16.49
N ASN C 271 27.28 -22.85 -17.70
CA ASN C 271 28.69 -23.18 -18.04
C ASN C 271 29.40 -21.92 -18.59
N ASP C 272 30.62 -22.10 -19.09
CA ASP C 272 31.41 -20.97 -19.65
C ASP C 272 30.70 -20.39 -20.88
N MET C 273 30.03 -21.25 -21.65
CA MET C 273 29.31 -20.82 -22.89
C MET C 273 28.19 -19.85 -22.48
N ILE C 274 27.38 -20.23 -21.49
CA ILE C 274 26.31 -19.34 -20.98
C ILE C 274 26.95 -18.06 -20.38
N LEU C 275 27.97 -18.21 -19.54
CA LEU C 275 28.65 -17.03 -18.93
C LEU C 275 29.13 -16.07 -20.03
N SER C 276 29.55 -16.62 -21.18
CA SER C 276 30.03 -15.77 -22.30
C SER C 276 28.85 -14.95 -22.87
N LEU C 277 27.69 -15.58 -23.03
CA LEU C 277 26.49 -14.87 -23.54
C LEU C 277 26.04 -13.79 -22.55
N LEU C 278 26.02 -14.11 -21.25
CA LEU C 278 25.66 -13.09 -20.21
C LEU C 278 26.59 -11.87 -20.33
N SER C 279 27.90 -12.13 -20.47
CA SER C 279 28.94 -11.06 -20.49
C SER C 279 28.80 -10.16 -21.73
N LYS C 280 28.08 -10.61 -22.75
CA LYS C 280 27.93 -9.85 -24.02
C LYS C 280 26.56 -9.14 -24.05
N GLY C 281 25.77 -9.28 -23.00
CA GLY C 281 24.44 -8.63 -22.98
C GLY C 281 23.47 -9.35 -23.90
N ARG C 282 23.70 -10.64 -24.16
CA ARG C 282 22.84 -11.40 -25.10
C ARG C 282 21.92 -12.37 -24.37
N LEU C 283 21.94 -12.40 -23.04
CA LEU C 283 21.09 -13.37 -22.32
C LEU C 283 20.75 -12.87 -20.92
N ILE C 284 19.52 -13.15 -20.50
CA ILE C 284 19.01 -12.88 -19.13
C ILE C 284 18.54 -14.20 -18.56
N ILE C 285 18.94 -14.52 -17.34
CA ILE C 285 18.48 -15.78 -16.68
C ILE C 285 17.60 -15.42 -15.49
N ARG C 286 16.32 -15.79 -15.59
CA ARG C 286 15.29 -15.61 -14.53
C ARG C 286 13.99 -16.25 -15.05
N GLU C 287 12.98 -16.35 -14.18
CA GLU C 287 11.66 -16.89 -14.61
C GLU C 287 10.86 -15.76 -15.27
N ASN C 288 9.70 -16.10 -15.83
CA ASN C 288 8.76 -15.14 -16.48
C ASN C 288 7.50 -15.02 -15.63
N ASN C 289 7.63 -15.16 -14.31
CA ASN C 289 6.46 -15.03 -13.40
C ASN C 289 5.97 -13.58 -13.38
N ARG C 290 4.71 -13.36 -13.02
CA ARG C 290 4.13 -11.99 -12.90
C ARG C 290 4.94 -11.20 -11.88
N VAL C 291 5.11 -9.90 -12.11
CA VAL C 291 5.89 -9.07 -11.16
C VAL C 291 5.00 -8.64 -10.00
N VAL C 292 5.39 -9.06 -8.79
CA VAL C 292 4.65 -8.76 -7.54
C VAL C 292 5.60 -8.06 -6.56
N ILE C 293 5.17 -6.92 -6.02
CA ILE C 293 6.00 -6.14 -5.05
C ILE C 293 5.14 -5.83 -3.83
N SER C 294 5.76 -5.51 -2.71
CA SER C 294 5.00 -5.14 -1.49
C SER C 294 5.86 -4.26 -0.56
N SER C 295 5.19 -3.51 0.32
CA SER C 295 5.77 -2.64 1.38
C SER C 295 5.38 -3.21 2.73
N ASP C 296 6.36 -3.55 3.56
CA ASP C 296 6.05 -3.99 4.94
C ASP C 296 5.43 -2.82 5.67
N VAL C 297 4.37 -3.08 6.42
CA VAL C 297 3.67 -2.05 7.24
C VAL C 297 3.83 -2.45 8.71
N LEU C 298 4.50 -1.60 9.49
CA LEU C 298 4.65 -1.83 10.95
C LEU C 298 3.33 -1.43 11.61
N VAL C 299 2.66 -2.34 12.31
CA VAL C 299 1.36 -2.01 12.96
C VAL C 299 1.60 -1.62 14.42
N ASN C 300 1.13 -0.43 14.83
CA ASN C 300 1.27 0.07 16.22
C ASN C 300 -0.10 0.42 16.80
N CYS D 20 -19.85 11.50 -1.49
CA CYS D 20 -21.10 11.30 -2.29
C CYS D 20 -21.22 12.43 -3.33
N ALA D 21 -22.42 13.05 -3.44
CA ALA D 21 -22.65 14.15 -4.40
C ALA D 21 -21.68 15.30 -4.13
N PHE D 22 -21.03 15.30 -2.96
CA PHE D 22 -20.05 16.36 -2.59
C PHE D 22 -18.76 16.18 -3.40
N ALA D 23 -18.38 17.22 -4.15
CA ALA D 23 -17.15 17.23 -4.97
C ALA D 23 -16.32 18.47 -4.60
N VAL D 24 -15.05 18.27 -4.25
CA VAL D 24 -14.14 19.40 -3.86
C VAL D 24 -13.99 20.35 -5.05
N ASP D 25 -13.85 19.80 -6.26
CA ASP D 25 -13.68 20.58 -7.52
C ASP D 25 -12.43 21.48 -7.38
N ALA D 26 -11.24 20.89 -7.52
CA ALA D 26 -9.97 21.65 -7.43
C ALA D 26 -9.74 22.43 -8.73
N ALA D 27 -10.28 21.93 -9.86
CA ALA D 27 -10.14 22.59 -11.18
C ALA D 27 -10.58 24.05 -11.08
N LYS D 28 -11.79 24.28 -10.55
CA LYS D 28 -12.37 25.64 -10.38
C LYS D 28 -11.48 26.50 -9.48
N ALA D 29 -11.13 25.98 -8.30
CA ALA D 29 -10.31 26.71 -7.30
C ALA D 29 -8.99 27.21 -7.93
N TYR D 30 -8.36 26.41 -8.80
CA TYR D 30 -7.06 26.78 -9.41
C TYR D 30 -7.26 27.91 -10.42
N LYS D 31 -8.34 27.87 -11.20
CA LYS D 31 -8.63 28.90 -12.23
C LYS D 31 -8.77 30.28 -11.55
N ASP D 32 -9.40 30.32 -10.37
CA ASP D 32 -9.62 31.57 -9.58
C ASP D 32 -8.34 31.96 -8.85
N TYR D 33 -7.54 30.99 -8.40
CA TYR D 33 -6.27 31.24 -7.68
C TYR D 33 -5.32 32.06 -8.58
N LEU D 34 -5.24 31.70 -9.87
CA LEU D 34 -4.41 32.46 -10.84
C LEU D 34 -5.01 33.86 -11.04
N ALA D 35 -6.33 33.93 -11.28
CA ALA D 35 -7.04 35.22 -11.49
C ALA D 35 -6.66 36.23 -10.41
N SER D 36 -6.57 35.79 -9.14
CA SER D 36 -6.22 36.68 -8.00
C SER D 36 -4.69 36.88 -7.93
N GLY D 37 -3.98 36.55 -9.01
CA GLY D 37 -2.52 36.76 -9.09
C GLY D 37 -1.72 35.67 -8.39
N GLY D 38 -2.26 34.44 -8.32
CA GLY D 38 -1.54 33.33 -7.68
C GLY D 38 -0.39 32.83 -8.55
N GLN D 39 0.70 32.37 -7.94
CA GLN D 39 1.87 31.84 -8.70
C GLN D 39 1.54 30.44 -9.22
N PRO D 40 1.70 30.19 -10.54
CA PRO D 40 1.41 28.87 -11.11
C PRO D 40 2.18 27.74 -10.42
N ILE D 41 1.61 26.52 -10.45
CA ILE D 41 2.28 25.33 -9.85
C ILE D 41 3.61 25.11 -10.59
N THR D 42 4.70 25.01 -9.82
CA THR D 42 6.08 24.85 -10.37
C THR D 42 6.53 23.39 -10.27
N ASN D 43 7.79 23.15 -10.64
CA ASN D 43 8.45 21.82 -10.58
C ASN D 43 7.81 20.86 -11.58
N CYS D 44 7.18 21.39 -12.64
CA CYS D 44 6.73 20.49 -13.74
C CYS D 44 8.02 19.98 -14.40
N VAL D 45 8.14 18.67 -14.63
CA VAL D 45 9.43 18.11 -15.10
C VAL D 45 9.57 18.26 -16.63
N LYS D 46 10.39 19.21 -17.06
CA LYS D 46 10.61 19.43 -18.53
C LYS D 46 11.68 18.45 -19.00
N MET D 47 11.40 17.75 -20.11
CA MET D 47 12.34 16.73 -20.65
C MET D 47 13.23 17.33 -21.74
N LEU D 48 14.43 16.75 -21.90
CA LEU D 48 15.32 17.08 -23.04
C LEU D 48 14.84 16.24 -24.22
N CYS D 49 14.74 16.84 -25.41
CA CYS D 49 14.29 16.07 -26.60
C CYS D 49 14.76 16.77 -27.88
N THR D 50 14.53 16.13 -29.03
CA THR D 50 15.00 16.67 -30.34
C THR D 50 14.10 17.82 -30.83
N HIS D 51 12.85 17.90 -30.35
CA HIS D 51 11.85 18.89 -30.83
C HIS D 51 11.50 18.59 -32.29
N THR D 52 11.56 17.31 -32.67
CA THR D 52 11.18 16.85 -34.04
C THR D 52 9.98 15.90 -33.94
N GLY D 53 9.22 15.99 -32.84
CA GLY D 53 8.10 15.05 -32.61
C GLY D 53 6.84 15.37 -33.40
N THR D 54 5.84 14.52 -33.26
CA THR D 54 4.51 14.59 -33.94
C THR D 54 3.73 15.81 -33.45
N GLY D 55 4.02 16.27 -32.23
CA GLY D 55 3.31 17.44 -31.66
C GLY D 55 1.98 17.05 -31.03
N GLN D 56 1.72 15.73 -30.90
CA GLN D 56 0.47 15.26 -30.24
C GLN D 56 0.49 15.71 -28.78
N ALA D 57 -0.69 15.82 -28.15
CA ALA D 57 -0.84 16.36 -26.78
C ALA D 57 -0.26 15.43 -25.70
N ILE D 58 -0.63 14.14 -25.72
CA ILE D 58 -0.22 13.17 -24.67
C ILE D 58 0.33 11.92 -25.36
N THR D 59 1.62 11.62 -25.14
CA THR D 59 2.31 10.53 -25.88
C THR D 59 3.11 9.61 -24.95
N VAL D 60 3.48 8.42 -25.45
CA VAL D 60 4.22 7.41 -24.62
C VAL D 60 5.65 7.89 -24.41
N THR D 61 6.12 8.78 -25.28
CA THR D 61 7.50 9.34 -25.20
C THR D 61 7.42 10.80 -25.61
N PRO D 62 8.38 11.67 -25.21
CA PRO D 62 8.35 13.07 -25.61
C PRO D 62 8.19 13.23 -27.13
N GLU D 63 7.19 14.01 -27.56
CA GLU D 63 6.84 14.25 -28.99
C GLU D 63 6.74 15.75 -29.29
N ALA D 64 7.41 16.59 -28.49
CA ALA D 64 7.37 18.04 -28.74
C ALA D 64 7.87 18.36 -30.15
N ASN D 65 7.22 19.34 -30.78
CA ASN D 65 7.70 19.88 -32.09
C ASN D 65 8.43 21.18 -31.75
N MET D 66 8.61 22.07 -32.72
CA MET D 66 9.35 23.34 -32.47
C MET D 66 8.49 24.40 -31.77
N ASP D 67 7.19 24.16 -31.61
CA ASP D 67 6.31 25.16 -30.95
C ASP D 67 5.92 24.65 -29.55
N GLN D 68 6.57 23.55 -29.11
CA GLN D 68 6.17 22.95 -27.83
C GLN D 68 7.38 22.54 -26.98
N GLU D 69 7.08 22.23 -25.72
CA GLU D 69 8.02 21.65 -24.73
C GLU D 69 7.37 20.34 -24.26
N SER D 70 8.16 19.31 -23.94
CA SER D 70 7.62 18.03 -23.43
C SER D 70 7.83 17.96 -21.92
N PHE D 71 6.81 17.53 -21.18
CA PHE D 71 6.89 17.41 -19.70
C PHE D 71 6.42 16.03 -19.24
N GLY D 72 7.01 15.55 -18.14
CA GLY D 72 6.48 14.34 -17.50
C GLY D 72 5.03 14.61 -17.12
N GLY D 73 4.12 13.73 -17.54
CA GLY D 73 2.67 13.92 -17.34
C GLY D 73 2.26 14.09 -15.89
N ALA D 74 2.65 13.16 -15.01
CA ALA D 74 2.23 13.23 -13.59
C ALA D 74 2.55 14.60 -12.98
N SER D 75 3.69 15.18 -13.34
CA SER D 75 4.13 16.46 -12.72
C SER D 75 3.25 17.62 -13.22
N CYS D 76 2.49 17.40 -14.31
CA CYS D 76 1.60 18.45 -14.89
C CYS D 76 0.12 18.15 -14.61
N CYS D 77 -0.17 17.23 -13.70
CA CYS D 77 -1.58 16.85 -13.39
C CYS D 77 -1.96 17.44 -12.03
N LEU D 78 -2.92 18.36 -12.02
CA LEU D 78 -3.38 19.00 -10.76
C LEU D 78 -3.76 17.92 -9.74
N TYR D 79 -4.48 16.89 -10.18
CA TYR D 79 -5.00 15.85 -9.27
C TYR D 79 -3.83 15.04 -8.69
N CYS D 80 -2.85 14.71 -9.53
CA CYS D 80 -1.63 13.99 -9.07
C CYS D 80 -0.85 14.88 -8.08
N ARG D 81 -0.59 16.13 -8.47
CA ARG D 81 0.21 17.09 -7.65
C ARG D 81 -0.51 17.46 -6.36
N CYS D 82 -1.85 17.45 -6.33
CA CYS D 82 -2.60 17.83 -5.09
C CYS D 82 -3.04 16.60 -4.28
N HIS D 83 -2.69 15.40 -4.75
CA HIS D 83 -3.05 14.13 -4.04
C HIS D 83 -4.56 14.08 -3.78
N ILE D 84 -5.36 14.33 -4.82
CA ILE D 84 -6.85 14.24 -4.72
C ILE D 84 -7.35 13.30 -5.83
N ASP D 85 -8.56 12.76 -5.66
CA ASP D 85 -9.15 11.81 -6.65
C ASP D 85 -9.25 12.49 -8.01
N HIS D 86 -9.08 11.70 -9.08
CA HIS D 86 -9.20 12.21 -10.48
C HIS D 86 -10.68 12.25 -10.84
N PRO D 87 -11.16 13.30 -11.55
CA PRO D 87 -12.59 13.45 -11.86
C PRO D 87 -13.14 12.44 -12.89
N ASN D 88 -13.08 11.16 -12.56
CA ASN D 88 -13.63 10.07 -13.41
C ASN D 88 -14.16 8.96 -12.53
N PRO D 89 -15.25 8.26 -12.93
CA PRO D 89 -15.79 7.15 -12.14
C PRO D 89 -14.76 6.02 -11.95
N LYS D 90 -13.77 5.92 -12.86
CA LYS D 90 -12.73 4.86 -12.77
C LYS D 90 -11.48 5.45 -12.08
N GLY D 91 -11.41 6.78 -12.00
CA GLY D 91 -10.29 7.48 -11.33
C GLY D 91 -8.96 7.30 -12.05
N PHE D 92 -9.00 7.07 -13.37
CA PHE D 92 -7.78 6.88 -14.20
C PHE D 92 -7.20 8.25 -14.59
N CYS D 93 -5.86 8.37 -14.54
CA CYS D 93 -5.18 9.63 -14.94
C CYS D 93 -4.78 9.53 -16.42
N ASP D 94 -5.01 10.60 -17.17
CA ASP D 94 -4.67 10.63 -18.63
C ASP D 94 -3.21 11.07 -18.83
N LEU D 95 -2.54 11.57 -17.79
CA LEU D 95 -1.15 12.11 -17.97
C LEU D 95 -0.10 11.22 -17.30
N LYS D 96 -0.41 10.64 -16.14
CA LYS D 96 0.56 9.82 -15.37
C LYS D 96 1.18 8.72 -16.24
N GLY D 97 2.51 8.68 -16.32
CA GLY D 97 3.24 7.64 -17.10
C GLY D 97 3.40 8.03 -18.55
N LYS D 98 2.91 9.22 -18.92
CA LYS D 98 2.99 9.73 -20.31
C LYS D 98 3.76 11.04 -20.33
N TYR D 99 3.88 11.63 -21.52
CA TYR D 99 4.56 12.93 -21.73
C TYR D 99 3.54 13.88 -22.33
N VAL D 100 3.42 15.07 -21.74
CA VAL D 100 2.43 16.05 -22.27
C VAL D 100 3.19 17.15 -23.00
N GLN D 101 2.78 17.44 -24.23
CA GLN D 101 3.38 18.50 -25.08
C GLN D 101 2.62 19.80 -24.81
N ILE D 102 3.33 20.83 -24.36
CA ILE D 102 2.71 22.13 -24.00
C ILE D 102 3.25 23.20 -24.95
N PRO D 103 2.38 24.04 -25.56
CA PRO D 103 2.85 25.13 -26.41
C PRO D 103 3.89 25.96 -25.62
N THR D 104 4.99 26.34 -26.26
CA THR D 104 6.06 27.10 -25.56
C THR D 104 5.49 28.36 -24.88
N THR D 105 4.51 29.02 -25.51
CA THR D 105 3.90 30.27 -24.95
C THR D 105 3.21 30.00 -23.61
N CYS D 106 2.84 28.74 -23.33
CA CYS D 106 2.15 28.37 -22.05
C CYS D 106 3.03 27.47 -21.18
N ALA D 107 4.30 27.28 -21.57
CA ALA D 107 5.22 26.38 -20.85
C ALA D 107 5.46 26.86 -19.41
N ASN D 108 5.03 28.07 -19.06
CA ASN D 108 5.26 28.59 -17.68
C ASN D 108 4.13 28.11 -16.74
N ASP D 109 3.06 27.51 -17.27
CA ASP D 109 1.95 27.01 -16.42
C ASP D 109 1.36 25.76 -17.04
N PRO D 110 2.13 24.64 -17.10
CA PRO D 110 1.63 23.40 -17.70
C PRO D 110 0.36 22.88 -17.02
N VAL D 111 0.31 22.92 -15.68
CA VAL D 111 -0.89 22.39 -14.94
C VAL D 111 -2.13 23.18 -15.40
N GLY D 112 -2.04 24.51 -15.42
CA GLY D 112 -3.18 25.34 -15.87
C GLY D 112 -3.58 25.01 -17.29
N PHE D 113 -2.59 24.77 -18.16
CA PHE D 113 -2.88 24.48 -19.59
C PHE D 113 -3.64 23.14 -19.73
N THR D 114 -3.24 22.11 -18.97
CA THR D 114 -3.90 20.79 -19.11
C THR D 114 -5.36 20.88 -18.61
N LEU D 115 -5.61 21.65 -17.56
CA LEU D 115 -6.96 21.82 -16.98
C LEU D 115 -7.90 22.53 -17.97
N LYS D 116 -7.43 23.64 -18.56
CA LYS D 116 -8.27 24.49 -19.45
C LYS D 116 -8.47 23.87 -20.84
N ASN D 117 -7.46 23.17 -21.38
CA ASN D 117 -7.59 22.63 -22.76
C ASN D 117 -8.00 21.15 -22.73
N THR D 118 -8.49 20.65 -23.87
CA THR D 118 -8.91 19.24 -24.05
C THR D 118 -8.25 18.68 -25.32
N VAL D 119 -8.02 17.36 -25.35
CA VAL D 119 -7.35 16.69 -26.50
C VAL D 119 -8.38 16.26 -27.53
N CYS D 120 -8.03 16.35 -28.82
CA CYS D 120 -8.92 15.91 -29.92
C CYS D 120 -8.90 14.38 -29.96
N THR D 121 -10.06 13.75 -29.80
CA THR D 121 -10.16 12.27 -29.78
C THR D 121 -9.83 11.68 -31.16
N VAL D 122 -9.76 12.50 -32.21
CA VAL D 122 -9.50 11.95 -33.59
C VAL D 122 -8.00 12.03 -33.93
N CYS D 123 -7.41 13.23 -33.93
CA CYS D 123 -5.97 13.38 -34.32
C CYS D 123 -5.03 13.35 -33.10
N GLY D 124 -5.56 13.48 -31.88
CA GLY D 124 -4.71 13.47 -30.67
C GLY D 124 -3.98 14.79 -30.44
N MET D 125 -4.36 15.86 -31.14
CA MET D 125 -3.72 17.20 -30.97
C MET D 125 -4.57 18.03 -30.01
N TRP D 126 -3.98 19.03 -29.35
CA TRP D 126 -4.77 19.92 -28.46
C TRP D 126 -5.80 20.69 -29.29
N LYS D 127 -7.04 20.82 -28.79
CA LYS D 127 -8.06 21.62 -29.52
C LYS D 127 -7.65 23.10 -29.40
N GLY D 128 -7.43 23.76 -30.54
CA GLY D 128 -7.03 25.17 -30.57
C GLY D 128 -5.50 25.33 -30.61
N TYR D 129 -4.76 24.23 -30.55
CA TYR D 129 -3.27 24.29 -30.60
C TYR D 129 -2.70 23.08 -31.35
N GLY D 130 -3.23 22.80 -32.54
CA GLY D 130 -2.73 21.66 -33.35
C GLY D 130 -3.84 20.92 -34.08
N CYS D 131 -5.01 20.79 -33.46
CA CYS D 131 -6.15 20.07 -34.10
C CYS D 131 -6.60 20.85 -35.34
N SER D 132 -6.53 20.20 -36.51
CA SER D 132 -6.92 20.82 -37.81
C SER D 132 -8.05 19.98 -38.45
N CYS D 133 -8.84 19.29 -37.62
CA CYS D 133 -9.95 18.43 -38.11
C CYS D 133 -11.09 19.29 -38.69
N ASP D 134 -10.96 20.62 -38.65
CA ASP D 134 -12.01 21.53 -39.18
C ASP D 134 -11.59 22.12 -40.53
N GLN D 135 -10.31 21.99 -40.91
CA GLN D 135 -9.83 22.55 -42.21
C GLN D 135 -10.49 21.80 -43.37
N LEU D 136 -10.72 22.51 -44.48
CA LEU D 136 -11.29 21.88 -45.71
C LEU D 136 -10.22 21.00 -46.34
N ARG D 137 -10.63 19.91 -47.01
CA ARG D 137 -9.67 18.97 -47.67
C ARG D 137 -9.47 19.40 -49.12
N GLU D 138 -8.43 18.87 -49.77
CA GLU D 138 -8.09 19.19 -51.18
C GLU D 138 -7.78 17.90 -51.95
#